data_2QR1
#
_entry.id   2QR1
#
_cell.length_a   168.293
_cell.length_b   78.087
_cell.length_c   108.553
_cell.angle_alpha   90.00
_cell.angle_beta   124.13
_cell.angle_gamma   90.00
#
_symmetry.space_group_name_H-M   'C 1 2 1'
#
loop_
_entity.id
_entity.type
_entity.pdbx_description
1 polymer 'SNF1-like protein kinase ssp2'
2 polymer 'SPCC1919.03c protein'
3 polymer 'Protein C1556.08c'
4 non-polymer "ADENOSINE-5'-DIPHOSPHATE"
5 water water
#
loop_
_entity_poly.entity_id
_entity_poly.type
_entity_poly.pdbx_seq_one_letter_code
_entity_poly.pdbx_strand_id
1 'polypeptide(L)'
;SQSTRKKSRRNKWHFGVRCRGDAPEILLAVYRALQRAGAQFTVPKPVNGKYRSDMYTIKSRWEIPHCKREGKNTYAYIEL
QLYEVMPGCFMLDVKSNGYKDIYSHPERTADHGMDDLKSSFPFLDLCAMLVCKLFSA
;
A,C
2 'polypeptide(L)'
;MSESEQYSTEIPAFLTSNTLQELKLPKPPSLPPHLEKCILNSNTAYKEDQSVLPNPNHVLLNHLAAANTQLGVLALSATT
RYHRKYVTTAMFKNFDV
;
B,D
3 'polypeptide(L)'
;AMDVQETQKGALKEIQAFIRSRTSYDVLPTSFRLIVFDVTLFVKTSLSLLTLNNIVSAPLWDSEANKFAGLLTMADFVNV
IKYYYQSSSFPEAIAEIDKFRLLGLREVERKIGAIPPETIYVHPMHSLMDACLAMSKSRARRIPLIDVDGETGSEMIVSV
LTQYRILKFISMNCKETAMLRVPLNQMTIGTWSNLATASMETKVYDVIKMLAEKNISAVPIVNSEGTLLNVYESVDVMHL
IQDGDYSNLDLSVGEALLKRPANFDGVHTCRATDRLDGIFDAIKHSRVHRLFVVDENLKLEGILSLADILNYIIYDKTTT
PGVPEQTDNFESAV
;
G,E
#
loop_
_chem_comp.id
_chem_comp.type
_chem_comp.name
_chem_comp.formula
ADP non-polymer ADENOSINE-5'-DIPHOSPHATE 'C10 H15 N5 O10 P2'
#
# COMPACT_ATOMS: atom_id res chain seq x y z
N LYS A 12 10.48 -1.54 -19.46
CA LYS A 12 9.71 -0.57 -18.61
C LYS A 12 10.26 0.87 -18.51
N TRP A 13 11.58 1.05 -18.45
CA TRP A 13 12.22 2.40 -18.41
C TRP A 13 12.37 2.99 -19.81
N HIS A 14 12.11 4.28 -19.90
CA HIS A 14 12.12 5.04 -21.14
C HIS A 14 12.38 6.50 -20.84
N PHE A 15 12.96 7.22 -21.80
CA PHE A 15 13.28 8.61 -21.62
C PHE A 15 12.04 9.45 -21.60
N GLY A 16 12.09 10.53 -20.82
CA GLY A 16 11.02 11.48 -20.68
C GLY A 16 9.69 10.92 -20.22
N VAL A 17 8.63 11.65 -20.51
CA VAL A 17 7.30 11.21 -20.18
C VAL A 17 6.43 11.17 -21.46
N ARG A 18 5.59 10.16 -21.56
CA ARG A 18 4.77 9.96 -22.76
C ARG A 18 3.69 11.03 -22.83
N CYS A 19 3.23 11.34 -24.05
CA CYS A 19 2.12 12.25 -24.23
C CYS A 19 1.33 11.81 -25.43
N ARG A 20 0.03 12.07 -25.42
CA ARG A 20 -0.80 11.78 -26.56
C ARG A 20 -1.64 12.99 -26.92
N GLY A 21 -2.24 12.97 -28.09
CA GLY A 21 -3.18 14.02 -28.47
C GLY A 21 -2.59 15.03 -29.42
N ASP A 22 -2.82 16.31 -29.13
CA ASP A 22 -2.46 17.37 -30.06
C ASP A 22 -1.20 18.11 -29.63
N ALA A 23 -0.30 18.29 -30.58
CA ALA A 23 1.05 18.81 -30.31
C ALA A 23 1.07 20.11 -29.51
N PRO A 24 0.31 21.15 -29.97
CA PRO A 24 0.31 22.41 -29.24
C PRO A 24 -0.55 22.37 -27.99
N GLU A 25 -1.57 21.49 -27.99
CA GLU A 25 -2.32 21.17 -26.77
C GLU A 25 -1.39 20.66 -25.67
N ILE A 26 -0.42 19.83 -26.03
CA ILE A 26 0.58 19.35 -25.08
C ILE A 26 1.58 20.46 -24.70
N LEU A 27 1.95 21.28 -25.68
CA LEU A 27 2.86 22.41 -25.44
C LEU A 27 2.25 23.36 -24.40
N LEU A 28 0.98 23.70 -24.58
CA LEU A 28 0.22 24.44 -23.59
C LEU A 28 0.32 23.85 -22.18
N ALA A 29 0.04 22.56 -22.06
CA ALA A 29 0.00 21.91 -20.74
C ALA A 29 1.35 21.99 -20.04
N VAL A 30 2.41 21.75 -20.80
CA VAL A 30 3.77 21.87 -20.28
C VAL A 30 4.06 23.29 -19.82
N TYR A 31 3.58 24.27 -20.58
CA TYR A 31 3.82 25.66 -20.22
C TYR A 31 3.13 25.99 -18.93
N ARG A 32 1.85 25.62 -18.81
CA ARG A 32 1.06 25.83 -17.58
C ARG A 32 1.68 25.11 -16.40
N ALA A 33 2.16 23.89 -16.66
CA ALA A 33 2.81 23.08 -15.63
C ALA A 33 4.06 23.76 -15.11
N LEU A 34 4.81 24.39 -15.99
CA LEU A 34 5.98 25.11 -15.54
C LEU A 34 5.50 26.23 -14.65
N GLN A 35 4.50 26.97 -15.12
CA GLN A 35 4.01 28.12 -14.40
C GLN A 35 3.60 27.72 -13.00
N ARG A 36 3.01 26.52 -12.85
CA ARG A 36 2.57 26.08 -11.51
C ARG A 36 3.73 25.69 -10.58
N ALA A 37 4.81 25.19 -11.14
CA ALA A 37 6.02 24.95 -10.37
C ALA A 37 6.72 26.24 -9.97
N GLY A 38 6.47 27.31 -10.72
CA GLY A 38 7.18 28.57 -10.52
C GLY A 38 8.52 28.58 -11.25
N ALA A 39 8.64 27.74 -12.26
CA ALA A 39 9.79 27.81 -13.13
C ALA A 39 9.55 28.98 -14.08
N GLN A 40 10.62 29.44 -14.72
CA GLN A 40 10.50 30.48 -15.72
C GLN A 40 11.03 29.90 -16.98
N PHE A 41 10.68 30.46 -18.13
CA PHE A 41 10.82 29.77 -19.40
C PHE A 41 10.95 30.70 -20.59
N THR A 42 11.65 30.22 -21.62
CA THR A 42 11.62 30.88 -22.91
C THR A 42 10.30 30.57 -23.58
N VAL A 43 10.08 31.29 -24.67
CA VAL A 43 8.80 31.39 -25.30
C VAL A 43 9.07 31.43 -26.82
N PRO A 44 8.11 30.95 -27.65
CA PRO A 44 8.35 31.04 -29.10
C PRO A 44 8.43 32.47 -29.62
N LYS A 45 9.20 32.63 -30.69
CA LYS A 45 9.27 33.87 -31.44
C LYS A 45 9.22 33.57 -32.96
N PRO A 46 8.15 34.01 -33.66
CA PRO A 46 7.94 33.62 -35.05
C PRO A 46 8.92 34.29 -36.05
N VAL A 47 9.02 33.73 -37.26
CA VAL A 47 9.85 34.29 -38.35
C VAL A 47 9.08 35.29 -39.25
N ASN A 48 8.91 36.51 -38.73
CA ASN A 48 8.01 37.49 -39.32
C ASN A 48 6.55 37.09 -39.16
N GLY A 49 6.21 35.91 -39.68
CA GLY A 49 4.86 35.35 -39.55
C GLY A 49 4.46 34.98 -38.13
N LYS A 50 4.49 33.71 -37.71
CA LYS A 50 4.95 32.47 -38.40
C LYS A 50 5.83 31.62 -37.45
N TYR A 51 5.21 30.64 -36.81
CA TYR A 51 5.89 29.91 -35.74
C TYR A 51 6.86 28.81 -36.20
N ARG A 52 8.06 28.86 -35.62
CA ARG A 52 9.17 27.99 -35.96
C ARG A 52 9.20 26.74 -35.08
N SER A 53 9.39 25.61 -35.74
CA SER A 53 9.38 24.30 -35.10
C SER A 53 10.13 24.19 -33.77
N ASP A 54 11.05 25.11 -33.51
CA ASP A 54 11.84 25.07 -32.28
C ASP A 54 11.06 25.57 -31.08
N MET A 55 9.81 25.93 -31.32
CA MET A 55 8.93 26.31 -30.23
C MET A 55 8.79 25.17 -29.21
N TYR A 56 8.99 23.93 -29.66
CA TYR A 56 8.94 22.75 -28.80
C TYR A 56 10.25 22.52 -28.08
N THR A 57 11.12 23.50 -28.14
CA THR A 57 12.35 23.48 -27.37
C THR A 57 12.18 24.57 -26.36
N ILE A 58 12.07 24.17 -25.09
CA ILE A 58 11.85 25.07 -23.97
C ILE A 58 13.05 25.03 -23.01
N LYS A 59 13.68 26.18 -22.82
CA LYS A 59 14.68 26.34 -21.77
C LYS A 59 14.01 26.90 -20.53
N SER A 60 14.10 26.22 -19.41
CA SER A 60 13.48 26.75 -18.21
C SER A 60 14.54 27.05 -17.15
N ARG A 61 14.17 27.84 -16.16
CA ARG A 61 15.03 28.11 -15.03
C ARG A 61 14.23 27.99 -13.74
N TRP A 62 14.80 27.24 -12.81
CA TRP A 62 14.13 26.88 -11.59
C TRP A 62 14.93 27.36 -10.40
N GLU A 63 14.26 28.07 -9.48
CA GLU A 63 14.89 28.52 -8.26
C GLU A 63 14.98 27.29 -7.38
N ILE A 64 16.15 26.97 -6.85
CA ILE A 64 16.27 25.72 -6.10
C ILE A 64 15.86 25.91 -4.64
N PRO A 65 14.69 25.38 -4.28
CA PRO A 65 14.06 25.56 -2.98
C PRO A 65 14.97 25.49 -1.75
N HIS A 66 15.84 24.50 -1.66
CA HIS A 66 16.62 24.38 -0.43
C HIS A 66 17.70 25.42 -0.36
N CYS A 67 18.06 25.98 -1.50
CA CYS A 67 18.93 27.15 -1.54
C CYS A 67 18.15 28.43 -1.26
N LYS A 68 16.93 28.48 -1.77
CA LYS A 68 16.00 29.55 -1.45
C LYS A 68 15.76 29.63 0.06
N ARG A 69 15.90 28.49 0.74
CA ARG A 69 15.65 28.39 2.17
C ARG A 69 16.78 29.02 2.95
N GLU A 70 18.00 28.93 2.41
CA GLU A 70 19.13 29.65 2.96
C GLU A 70 18.95 31.08 2.53
N GLY A 71 18.44 31.26 1.32
CA GLY A 71 18.33 32.59 0.74
C GLY A 71 19.48 32.80 -0.22
N LYS A 72 20.01 31.70 -0.73
CA LYS A 72 21.03 31.75 -1.76
C LYS A 72 20.34 31.81 -3.12
N ASN A 73 20.93 32.52 -4.06
CA ASN A 73 20.30 32.68 -5.37
C ASN A 73 20.84 31.68 -6.35
N THR A 74 20.51 30.42 -6.12
CA THR A 74 21.03 29.40 -7.01
C THR A 74 19.94 28.78 -7.86
N TYR A 75 20.24 28.62 -9.14
CA TYR A 75 19.22 28.32 -10.14
C TYR A 75 19.54 26.97 -10.75
N ALA A 76 18.52 26.33 -11.30
CA ALA A 76 18.73 25.10 -12.05
C ALA A 76 18.17 25.25 -13.48
N TYR A 77 18.97 24.86 -14.45
CA TYR A 77 18.63 25.04 -15.85
C TYR A 77 18.18 23.71 -16.47
N ILE A 78 16.94 23.70 -16.94
CA ILE A 78 16.33 22.49 -17.48
C ILE A 78 15.79 22.78 -18.88
N GLU A 79 16.22 21.98 -19.86
CA GLU A 79 15.72 22.04 -21.24
C GLU A 79 14.70 20.92 -21.48
N LEU A 80 13.54 21.29 -22.03
CA LEU A 80 12.51 20.34 -22.41
C LEU A 80 12.46 20.30 -23.92
N GLN A 81 12.08 19.16 -24.47
CA GLN A 81 11.94 19.04 -25.91
C GLN A 81 10.86 18.04 -26.26
N LEU A 82 9.94 18.44 -27.13
CA LEU A 82 8.93 17.51 -27.63
C LEU A 82 9.42 16.81 -28.88
N TYR A 83 9.07 15.52 -29.01
CA TYR A 83 9.33 14.75 -30.20
C TYR A 83 8.09 13.96 -30.58
N GLU A 84 7.66 14.02 -31.84
CA GLU A 84 6.64 13.11 -32.32
C GLU A 84 7.27 11.73 -32.38
N VAL A 85 6.56 10.72 -31.88
CA VAL A 85 7.07 9.33 -31.84
C VAL A 85 6.37 8.41 -32.86
N MET A 86 5.04 8.36 -32.78
CA MET A 86 4.20 7.78 -33.81
C MET A 86 3.44 9.00 -34.28
N PRO A 87 2.43 8.83 -35.14
CA PRO A 87 1.53 9.98 -35.20
C PRO A 87 0.63 9.94 -33.96
N GLY A 88 0.49 11.08 -33.29
CA GLY A 88 -0.34 11.16 -32.09
C GLY A 88 0.36 10.85 -30.78
N CYS A 89 1.60 10.36 -30.85
CA CYS A 89 2.35 10.04 -29.64
C CYS A 89 3.65 10.81 -29.54
N PHE A 90 3.94 11.29 -28.34
CA PHE A 90 5.04 12.19 -28.13
C PHE A 90 5.84 11.80 -26.89
N MET A 91 7.13 12.09 -26.95
CA MET A 91 7.98 12.03 -25.78
C MET A 91 8.26 13.47 -25.42
N LEU A 92 8.00 13.81 -24.18
CA LEU A 92 8.45 15.08 -23.71
C LEU A 92 9.78 14.83 -23.01
N ASP A 93 10.88 15.22 -23.63
CA ASP A 93 12.23 14.94 -23.10
C ASP A 93 12.77 16.06 -22.19
N VAL A 94 13.34 15.65 -21.06
CA VAL A 94 13.75 16.58 -20.05
C VAL A 94 15.20 16.34 -19.78
N LYS A 95 16.02 17.38 -19.95
CA LYS A 95 17.44 17.28 -19.63
C LYS A 95 18.03 18.47 -18.84
N SER A 96 19.12 18.18 -18.14
CA SER A 96 19.67 19.11 -17.17
C SER A 96 20.84 19.83 -17.79
N ASN A 97 20.77 21.16 -17.79
CA ASN A 97 21.89 22.02 -18.19
C ASN A 97 22.75 22.49 -17.02
N GLY A 98 22.46 21.99 -15.82
CA GLY A 98 23.28 22.28 -14.66
C GLY A 98 22.71 23.32 -13.73
N TYR A 99 23.49 23.63 -12.69
CA TYR A 99 23.08 24.60 -11.67
C TYR A 99 24.12 25.69 -11.62
N LYS A 100 23.71 26.92 -11.35
CA LYS A 100 24.67 28.05 -11.18
C LYS A 100 24.14 29.01 -10.13
N ASP A 101 24.93 29.34 -9.12
CA ASP A 101 24.57 30.37 -8.17
C ASP A 101 25.08 31.70 -8.73
N ILE A 102 24.44 32.81 -8.38
CA ILE A 102 24.92 34.13 -8.83
C ILE A 102 26.35 34.50 -8.41
N TYR A 103 27.02 33.60 -7.66
CA TYR A 103 28.39 33.80 -7.17
C TYR A 103 29.37 32.68 -7.63
N SER A 104 30.66 32.82 -7.28
CA SER A 104 31.74 31.87 -7.66
C SER A 104 32.07 30.98 -6.42
N HIS A 105 33.26 30.38 -6.40
CA HIS A 105 34.41 30.93 -7.10
C HIS A 105 34.94 29.95 -8.14
N ASP A 116 34.31 19.57 -9.84
CA ASP A 116 33.25 20.17 -10.66
C ASP A 116 32.16 19.13 -10.96
N LEU A 117 31.47 18.71 -9.90
CA LEU A 117 30.47 17.64 -9.94
C LEU A 117 29.21 18.00 -10.74
N LYS A 118 28.64 17.00 -11.40
CA LYS A 118 27.29 17.13 -11.94
C LYS A 118 26.30 16.20 -11.22
N SER A 119 25.72 16.65 -10.12
CA SER A 119 24.79 15.81 -9.40
C SER A 119 23.47 15.80 -10.15
N SER A 120 22.73 14.70 -10.03
CA SER A 120 21.40 14.52 -10.60
C SER A 120 20.41 15.24 -9.72
N PHE A 121 20.89 15.72 -8.59
CA PHE A 121 20.06 16.52 -7.68
C PHE A 121 20.56 17.95 -7.61
N PRO A 122 19.63 18.90 -7.52
CA PRO A 122 18.20 18.69 -7.39
C PRO A 122 17.48 18.47 -8.70
N PHE A 123 18.22 18.16 -9.75
CA PHE A 123 17.55 17.98 -11.04
C PHE A 123 16.44 16.93 -10.97
N LEU A 124 16.68 15.83 -10.29
CA LEU A 124 15.67 14.81 -10.20
C LEU A 124 14.49 15.21 -9.31
N ASP A 125 14.75 15.94 -8.24
CA ASP A 125 13.68 16.45 -7.38
C ASP A 125 12.79 17.47 -8.11
N LEU A 126 13.33 18.11 -9.14
CA LEU A 126 12.59 19.08 -9.91
C LEU A 126 11.75 18.43 -11.00
N CYS A 127 12.36 17.56 -11.79
CA CYS A 127 11.57 16.71 -12.68
C CYS A 127 10.40 16.04 -11.95
N ALA A 128 10.60 15.76 -10.66
CA ALA A 128 9.55 15.17 -9.82
C ALA A 128 8.42 16.18 -9.63
N MET A 129 8.80 17.42 -9.33
CA MET A 129 7.83 18.47 -9.19
C MET A 129 7.06 18.64 -10.50
N LEU A 130 7.79 18.85 -11.58
CA LEU A 130 7.20 19.05 -12.89
C LEU A 130 6.19 17.96 -13.18
N VAL A 131 6.59 16.70 -12.99
CA VAL A 131 5.71 15.58 -13.28
C VAL A 131 4.45 15.61 -12.42
N CYS A 132 4.59 16.04 -11.17
CA CYS A 132 3.40 16.26 -10.37
C CYS A 132 2.46 17.31 -10.95
N LYS A 133 3.01 18.33 -11.59
CA LYS A 133 2.17 19.37 -12.15
C LYS A 133 1.52 18.92 -13.43
N LEU A 134 2.27 18.24 -14.28
CA LEU A 134 1.69 17.68 -15.48
C LEU A 134 0.52 16.75 -15.19
N PHE A 135 0.53 16.09 -14.04
CA PHE A 135 -0.47 15.06 -13.74
C PHE A 135 -1.68 15.57 -12.96
N SER A 136 -1.45 16.58 -12.13
CA SER A 136 -2.48 17.15 -11.25
C SER A 136 -3.30 18.17 -12.04
N ALA A 137 -2.82 18.43 -13.25
CA ALA A 137 -3.53 19.18 -14.26
C ALA A 137 -4.86 18.50 -14.66
N GLN B 6 16.65 34.62 -22.87
CA GLN B 6 15.65 35.55 -22.36
C GLN B 6 14.48 34.80 -21.73
N TYR B 7 14.44 34.77 -20.40
CA TYR B 7 13.39 34.05 -19.67
C TYR B 7 12.06 34.80 -19.55
N SER B 8 11.02 34.14 -19.04
CA SER B 8 9.68 34.72 -18.89
C SER B 8 8.78 33.95 -17.92
N THR B 9 7.85 34.67 -17.33
CA THR B 9 6.96 34.13 -16.32
C THR B 9 5.53 33.80 -16.83
N GLU B 10 5.16 34.35 -17.99
CA GLU B 10 3.78 34.22 -18.48
C GLU B 10 3.53 33.33 -19.72
N ILE B 11 2.42 32.59 -19.67
CA ILE B 11 1.92 31.69 -20.73
C ILE B 11 1.74 32.38 -22.09
N PRO B 12 2.41 31.88 -23.14
CA PRO B 12 2.28 32.61 -24.42
C PRO B 12 0.82 32.70 -24.82
N ALA B 13 0.40 33.90 -25.23
CA ALA B 13 -1.01 34.20 -25.43
C ALA B 13 -1.67 33.34 -26.52
N PHE B 14 -0.97 33.14 -27.63
CA PHE B 14 -1.56 32.49 -28.80
C PHE B 14 -2.03 31.08 -28.52
N LEU B 15 -1.43 30.45 -27.50
CA LEU B 15 -1.90 29.18 -26.98
C LEU B 15 -3.11 29.38 -26.06
N THR B 16 -4.03 30.25 -26.50
CA THR B 16 -5.37 30.39 -25.89
C THR B 16 -6.36 31.02 -26.89
N SER B 17 -5.96 31.16 -28.15
CA SER B 17 -6.71 31.94 -29.15
C SER B 17 -8.24 31.73 -29.15
N ASN B 18 -8.69 30.59 -29.66
CA ASN B 18 -8.16 29.31 -29.17
C ASN B 18 -8.90 28.13 -29.82
N THR B 19 -8.22 27.09 -30.30
CA THR B 19 -6.78 27.01 -30.53
C THR B 19 -6.64 26.00 -31.66
N LEU B 20 -7.76 25.46 -32.11
CA LEU B 20 -7.79 24.52 -33.23
C LEU B 20 -7.19 25.15 -34.48
N GLN B 21 -7.51 26.42 -34.70
CA GLN B 21 -8.13 26.85 -35.94
C GLN B 21 -7.19 26.67 -37.13
N GLU B 22 -5.90 26.65 -36.85
CA GLU B 22 -5.26 27.74 -36.13
C GLU B 22 -3.75 27.77 -36.39
N LEU B 23 -3.32 28.74 -37.19
CA LEU B 23 -1.93 28.80 -37.64
C LEU B 23 -1.76 27.53 -38.48
N LYS B 24 -2.11 26.39 -37.90
CA LYS B 24 -1.76 25.08 -38.49
C LYS B 24 -0.28 24.81 -38.24
N LEU B 25 0.12 25.12 -37.00
CA LEU B 25 1.51 25.31 -36.61
C LEU B 25 2.39 24.11 -36.92
N PRO B 26 3.72 24.29 -36.76
CA PRO B 26 4.68 23.26 -37.12
C PRO B 26 4.60 22.07 -36.17
N LYS B 27 5.06 20.92 -36.66
CA LYS B 27 5.21 19.73 -35.81
C LYS B 27 6.50 19.85 -34.95
N PRO B 28 6.62 19.05 -33.88
CA PRO B 28 7.96 18.90 -33.29
C PRO B 28 8.76 17.87 -34.09
N PRO B 29 10.09 17.80 -33.85
CA PRO B 29 10.88 16.86 -34.65
C PRO B 29 10.58 15.44 -34.21
N SER B 30 10.82 14.47 -35.10
CA SER B 30 10.59 13.08 -34.76
C SER B 30 11.63 12.61 -33.76
N LEU B 31 11.30 11.55 -33.02
CA LEU B 31 12.17 10.93 -32.03
C LEU B 31 13.49 10.43 -32.66
N PRO B 32 14.65 10.98 -32.23
CA PRO B 32 15.92 10.45 -32.76
C PRO B 32 16.20 9.06 -32.17
N PRO B 33 16.85 8.18 -32.95
CA PRO B 33 17.08 6.78 -32.58
C PRO B 33 17.73 6.51 -31.23
N HIS B 34 18.53 7.43 -30.70
CA HIS B 34 19.20 7.17 -29.42
C HIS B 34 18.31 7.23 -28.14
N LEU B 35 17.13 7.86 -28.18
CA LEU B 35 16.25 7.89 -27.00
C LEU B 35 15.25 6.75 -26.99
N GLU B 36 15.50 5.79 -27.86
CA GLU B 36 14.71 4.58 -28.07
C GLU B 36 15.08 3.54 -27.00
N LYS B 37 16.28 3.70 -26.43
CA LYS B 37 16.86 2.69 -25.57
C LYS B 37 17.33 3.32 -24.28
N CYS B 38 17.02 2.68 -23.15
CA CYS B 38 17.47 3.19 -21.86
C CYS B 38 18.31 2.14 -21.14
N ILE B 39 19.54 2.50 -20.76
CA ILE B 39 20.47 1.50 -20.24
C ILE B 39 20.00 0.83 -18.97
N LEU B 40 18.99 1.41 -18.33
CA LEU B 40 18.42 0.81 -17.15
C LEU B 40 17.78 -0.52 -17.47
N ASN B 41 17.31 -0.67 -18.69
CA ASN B 41 16.76 -1.93 -19.15
C ASN B 41 17.81 -3.02 -19.40
N SER B 42 19.01 -2.81 -18.85
CA SER B 42 20.11 -3.73 -19.06
C SER B 42 20.63 -4.35 -17.76
N ASN B 43 20.34 -5.64 -17.56
CA ASN B 43 20.85 -6.38 -16.40
C ASN B 43 21.65 -7.63 -16.79
N THR B 44 22.49 -7.48 -17.81
CA THR B 44 23.48 -8.50 -18.21
C THR B 44 24.38 -8.91 -17.04
N ALA B 45 24.27 -8.16 -15.95
CA ALA B 45 25.30 -8.07 -14.92
C ALA B 45 25.19 -8.87 -13.62
N TYR B 46 24.03 -9.48 -13.35
CA TYR B 46 23.78 -10.18 -12.09
C TYR B 46 24.50 -11.51 -12.23
N LYS B 47 25.81 -11.43 -12.46
CA LYS B 47 26.66 -12.57 -12.79
C LYS B 47 28.14 -12.34 -12.38
N GLU B 48 28.39 -11.75 -11.21
CA GLU B 48 27.35 -11.45 -10.22
C GLU B 48 27.56 -10.11 -9.52
N ASP B 49 27.13 -9.03 -10.18
CA ASP B 49 27.00 -7.72 -9.58
C ASP B 49 25.86 -7.02 -10.31
N GLN B 50 24.67 -7.10 -9.74
CA GLN B 50 23.49 -6.57 -10.41
C GLN B 50 23.43 -5.05 -10.53
N SER B 51 24.41 -4.34 -10.00
CA SER B 51 24.39 -2.89 -10.18
C SER B 51 25.07 -2.44 -11.48
N VAL B 52 25.92 -3.30 -12.06
CA VAL B 52 26.68 -2.92 -13.24
C VAL B 52 25.80 -2.64 -14.46
N LEU B 53 26.08 -1.51 -15.09
CA LEU B 53 25.43 -1.16 -16.30
C LEU B 53 26.49 -1.12 -17.36
N PRO B 54 26.07 -1.16 -18.64
CA PRO B 54 27.07 -0.83 -19.68
C PRO B 54 27.41 0.66 -19.60
N ASN B 55 28.53 1.05 -20.22
CA ASN B 55 28.89 2.45 -20.39
C ASN B 55 27.75 3.24 -21.01
N PRO B 56 27.45 4.42 -20.47
CA PRO B 56 26.40 5.15 -21.15
C PRO B 56 26.91 5.79 -22.43
N ASN B 57 26.07 6.64 -22.99
CA ASN B 57 26.42 7.37 -24.21
C ASN B 57 26.34 8.87 -24.03
N HIS B 58 27.49 9.54 -24.14
CA HIS B 58 27.71 10.81 -23.46
C HIS B 58 26.86 11.92 -24.06
N VAL B 59 25.85 11.51 -24.83
CA VAL B 59 24.80 12.44 -25.27
C VAL B 59 23.65 12.50 -24.28
N LEU B 60 23.55 11.46 -23.45
CA LEU B 60 22.29 11.13 -22.79
C LEU B 60 22.51 11.27 -21.30
N LEU B 61 23.73 11.63 -20.92
CA LEU B 61 23.96 12.10 -19.59
C LEU B 61 22.94 13.19 -19.22
N ASN B 62 22.25 13.02 -18.10
CA ASN B 62 21.35 14.03 -17.54
C ASN B 62 19.97 14.16 -18.15
N HIS B 63 19.60 13.22 -19.02
CA HIS B 63 18.23 13.15 -19.53
C HIS B 63 17.38 12.34 -18.56
N LEU B 64 16.30 12.93 -18.07
CA LEU B 64 15.39 12.18 -17.21
C LEU B 64 14.76 11.01 -17.96
N ALA B 65 14.67 9.86 -17.28
CA ALA B 65 13.89 8.72 -17.76
C ALA B 65 12.88 8.40 -16.68
N ALA B 66 11.83 7.68 -17.05
CA ALA B 66 10.75 7.35 -16.12
C ALA B 66 10.31 5.90 -16.32
N ALA B 67 9.52 5.36 -15.38
CA ALA B 67 9.02 3.99 -15.42
C ALA B 67 7.74 3.74 -14.60
N ASN B 68 6.83 2.94 -15.17
CA ASN B 68 5.65 2.50 -14.43
C ASN B 68 6.00 1.68 -13.18
N THR B 69 5.63 2.18 -12.02
CA THR B 69 5.51 1.27 -10.88
C THR B 69 4.05 0.98 -10.77
N GLN B 70 3.76 -0.10 -10.07
CA GLN B 70 2.39 -0.46 -9.83
C GLN B 70 2.14 -0.23 -8.36
N LEU B 71 2.92 0.69 -7.77
CA LEU B 71 2.96 0.82 -6.34
C LEU B 71 2.55 2.19 -5.83
N GLY B 72 2.22 3.10 -6.75
CA GLY B 72 1.68 4.38 -6.36
C GLY B 72 2.78 5.35 -5.99
N VAL B 73 3.93 5.23 -6.65
CA VAL B 73 5.01 6.17 -6.47
C VAL B 73 5.63 6.46 -7.83
N LEU B 74 6.56 7.42 -7.86
CA LEU B 74 7.21 7.84 -9.09
C LEU B 74 8.59 7.22 -9.15
N ALA B 75 8.91 6.70 -10.33
CA ALA B 75 10.23 6.17 -10.58
C ALA B 75 10.95 7.12 -11.50
N LEU B 76 12.04 7.74 -11.04
CA LEU B 76 12.77 8.64 -11.91
C LEU B 76 14.25 8.27 -11.97
N SER B 77 14.93 8.62 -13.05
CA SER B 77 16.38 8.45 -13.06
C SER B 77 17.09 9.30 -14.06
N ALA B 78 18.34 9.61 -13.73
CA ALA B 78 19.26 10.22 -14.69
C ALA B 78 20.67 9.60 -14.57
N THR B 79 21.48 9.73 -15.61
CA THR B 79 22.85 9.23 -15.53
C THR B 79 23.78 10.41 -15.54
N THR B 80 24.85 10.35 -14.75
CA THR B 80 25.85 11.43 -14.68
C THR B 80 27.28 10.93 -14.53
N ARG B 81 28.26 11.72 -14.94
CA ARG B 81 29.66 11.35 -14.72
C ARG B 81 30.06 11.75 -13.33
N TYR B 82 30.58 10.81 -12.55
CA TYR B 82 31.26 11.15 -11.32
C TYR B 82 32.74 10.85 -11.53
N HIS B 83 33.57 11.89 -11.58
CA HIS B 83 34.97 11.78 -12.01
C HIS B 83 34.91 10.96 -13.26
N ARG B 84 35.62 9.86 -13.33
CA ARG B 84 35.56 9.08 -14.57
C ARG B 84 34.70 7.82 -14.56
N LYS B 85 33.65 7.85 -13.75
CA LYS B 85 32.75 6.73 -13.67
C LYS B 85 31.30 7.20 -13.73
N TYR B 86 30.38 6.31 -14.06
CA TYR B 86 29.03 6.75 -14.31
C TYR B 86 28.03 6.27 -13.28
N VAL B 87 27.25 7.18 -12.74
CA VAL B 87 26.22 6.78 -11.80
C VAL B 87 24.84 7.08 -12.35
N THR B 88 24.08 6.02 -12.59
CA THR B 88 22.67 6.13 -12.87
C THR B 88 21.87 5.98 -11.60
N THR B 89 21.27 7.05 -11.13
CA THR B 89 20.53 7.04 -9.91
C THR B 89 19.06 6.79 -10.21
N ALA B 90 18.43 5.87 -9.50
CA ALA B 90 17.02 5.62 -9.69
C ALA B 90 16.21 5.96 -8.44
N MET B 91 15.40 6.99 -8.58
CA MET B 91 14.64 7.55 -7.49
C MET B 91 13.23 7.05 -7.49
N PHE B 92 12.84 6.55 -6.33
CA PHE B 92 11.49 6.18 -6.04
C PHE B 92 10.94 7.21 -5.06
N LYS B 93 9.81 7.79 -5.41
CA LYS B 93 9.34 8.99 -4.74
C LYS B 93 7.82 9.04 -4.77
N ASN B 94 7.24 9.55 -3.68
CA ASN B 94 5.81 9.77 -3.61
C ASN B 94 5.37 10.94 -4.47
N PHE B 95 4.07 11.05 -4.72
CA PHE B 95 3.51 12.20 -5.39
C PHE B 95 3.25 13.34 -4.43
N ASP B 96 2.59 13.00 -3.33
CA ASP B 96 1.55 13.89 -2.71
C ASP B 96 1.05 15.02 -3.64
N ALA C 1 59.07 -13.76 6.79
CA ALA C 1 59.08 -13.32 5.35
C ALA C 1 59.24 -14.53 4.39
N MET C 2 59.72 -15.65 4.93
CA MET C 2 60.04 -16.83 4.11
C MET C 2 59.54 -18.14 4.74
N ASP C 3 58.37 -18.09 5.37
CA ASP C 3 57.70 -19.28 5.91
C ASP C 3 56.31 -18.87 6.40
N VAL C 4 55.37 -19.81 6.44
CA VAL C 4 54.04 -19.55 7.01
C VAL C 4 54.10 -18.69 8.25
N GLN C 5 53.11 -17.83 8.45
CA GLN C 5 53.02 -16.96 9.64
C GLN C 5 54.09 -15.91 9.73
N GLU C 6 55.07 -15.99 8.85
CA GLU C 6 56.07 -14.95 8.72
C GLU C 6 55.87 -14.51 7.28
N THR C 7 55.48 -15.43 6.40
CA THR C 7 55.08 -15.06 5.03
C THR C 7 53.69 -14.42 5.08
N GLN C 8 52.78 -15.01 5.84
CA GLN C 8 51.47 -14.39 6.07
C GLN C 8 51.64 -13.01 6.69
N LYS C 9 52.46 -12.95 7.74
CA LYS C 9 52.73 -11.71 8.48
C LYS C 9 52.99 -10.60 7.48
N GLY C 10 54.00 -10.80 6.65
CA GLY C 10 54.32 -9.85 5.57
C GLY C 10 53.21 -9.67 4.56
N ALA C 11 52.47 -10.73 4.25
CA ALA C 11 51.46 -10.65 3.19
C ALA C 11 50.34 -9.70 3.61
N LEU C 12 49.97 -9.77 4.89
CA LEU C 12 48.94 -8.89 5.43
C LEU C 12 49.39 -7.45 5.31
N LYS C 13 50.65 -7.19 5.68
CA LYS C 13 51.28 -5.86 5.50
C LYS C 13 51.02 -5.24 4.12
N GLU C 14 51.23 -6.01 3.04
CA GLU C 14 50.97 -5.47 1.70
C GLU C 14 49.49 -5.18 1.50
N ILE C 15 48.65 -6.03 2.08
CA ILE C 15 47.22 -5.93 1.84
C ILE C 15 46.63 -4.67 2.48
N GLN C 16 47.03 -4.34 3.70
CA GLN C 16 46.58 -3.08 4.26
C GLN C 16 47.13 -1.89 3.47
N ALA C 17 48.38 -1.98 3.06
CA ALA C 17 49.00 -0.92 2.30
C ALA C 17 48.20 -0.76 1.02
N PHE C 18 47.82 -1.88 0.44
CA PHE C 18 46.97 -1.80 -0.72
C PHE C 18 45.68 -1.06 -0.36
N ILE C 19 45.00 -1.53 0.67
CA ILE C 19 43.80 -0.87 1.15
C ILE C 19 43.95 0.67 1.31
N ARG C 20 45.02 1.14 1.99
CA ARG C 20 45.17 2.58 2.22
C ARG C 20 45.37 3.36 0.94
N SER C 21 46.04 2.75 -0.03
CA SER C 21 46.45 3.43 -1.26
C SER C 21 45.28 3.55 -2.23
N ARG C 22 44.21 2.80 -2.00
CA ARG C 22 43.01 2.94 -2.82
C ARG C 22 41.95 3.81 -2.18
N THR C 23 41.04 4.28 -3.02
CA THR C 23 39.91 5.06 -2.56
C THR C 23 38.69 4.19 -2.65
N SER C 24 37.63 4.65 -2.02
CA SER C 24 36.33 4.04 -2.19
C SER C 24 35.87 4.16 -3.65
N TYR C 25 36.11 5.32 -4.25
CA TYR C 25 35.85 5.49 -5.68
C TYR C 25 36.35 4.27 -6.44
N ASP C 26 37.61 3.91 -6.22
CA ASP C 26 38.23 2.82 -6.97
C ASP C 26 37.51 1.46 -6.94
N VAL C 27 36.60 1.27 -6.00
CA VAL C 27 36.03 -0.04 -5.77
C VAL C 27 34.86 -0.16 -6.72
N LEU C 28 34.27 0.99 -7.00
CA LEU C 28 33.07 1.09 -7.80
C LEU C 28 33.30 0.64 -9.24
N PRO C 29 32.27 0.01 -9.86
CA PRO C 29 32.33 -0.35 -11.26
C PRO C 29 32.33 0.97 -12.05
N THR C 30 32.62 0.92 -13.34
CA THR C 30 32.79 2.16 -14.06
C THR C 30 31.44 2.72 -14.47
N SER C 31 30.42 1.91 -14.38
CA SER C 31 29.07 2.37 -14.67
C SER C 31 28.06 1.49 -13.97
N PHE C 32 27.33 2.03 -12.99
CA PHE C 32 26.42 1.24 -12.16
C PHE C 32 25.14 1.98 -11.82
N ARG C 33 24.18 1.24 -11.27
CA ARG C 33 22.87 1.71 -10.83
C ARG C 33 22.90 1.99 -9.32
N LEU C 34 22.20 3.03 -8.90
CA LEU C 34 21.99 3.23 -7.47
C LEU C 34 20.52 3.56 -7.22
N ILE C 35 19.91 2.79 -6.34
CA ILE C 35 18.51 2.96 -6.04
C ILE C 35 18.42 3.67 -4.72
N VAL C 36 17.52 4.65 -4.67
CA VAL C 36 17.35 5.63 -3.62
C VAL C 36 15.85 5.80 -3.34
N PHE C 37 15.46 5.87 -2.07
CA PHE C 37 14.06 6.07 -1.73
C PHE C 37 13.93 7.44 -1.12
N ASP C 38 12.79 8.10 -1.33
CA ASP C 38 12.36 9.23 -0.52
C ASP C 38 12.09 8.72 0.88
N VAL C 39 12.60 9.44 1.87
CA VAL C 39 12.27 9.17 3.27
C VAL C 39 10.78 9.20 3.57
N THR C 40 9.98 9.80 2.73
CA THR C 40 8.57 9.82 3.10
C THR C 40 7.76 8.64 2.52
N LEU C 41 8.43 7.73 1.82
CA LEU C 41 7.75 6.54 1.34
C LEU C 41 7.19 5.74 2.51
N PHE C 42 6.04 5.12 2.30
CA PHE C 42 5.45 4.31 3.36
C PHE C 42 6.29 3.07 3.48
N VAL C 43 6.30 2.47 4.68
CA VAL C 43 7.05 1.26 4.93
C VAL C 43 6.68 0.09 3.99
N LYS C 44 5.40 -0.11 3.74
CA LYS C 44 5.00 -1.26 2.91
C LYS C 44 5.56 -1.13 1.50
N THR C 45 5.44 0.07 0.95
CA THR C 45 5.93 0.37 -0.37
C THR C 45 7.42 0.06 -0.47
N SER C 46 8.17 0.52 0.51
CA SER C 46 9.61 0.39 0.45
C SER C 46 10.04 -1.09 0.54
N LEU C 47 9.30 -1.86 1.33
CA LEU C 47 9.50 -3.30 1.36
C LEU C 47 9.22 -3.91 -0.01
N SER C 48 8.08 -3.57 -0.61
CA SER C 48 7.78 -4.04 -1.96
C SER C 48 8.86 -3.64 -2.96
N LEU C 49 9.48 -2.47 -2.78
CA LEU C 49 10.50 -2.02 -3.71
C LEU C 49 11.82 -2.74 -3.56
N LEU C 50 12.15 -3.17 -2.34
CA LEU C 50 13.40 -3.90 -2.15
C LEU C 50 13.29 -5.23 -2.88
N THR C 51 12.32 -6.04 -2.51
CA THR C 51 12.08 -7.31 -3.17
C THR C 51 12.01 -7.25 -4.68
N LEU C 52 11.31 -6.24 -5.21
CA LEU C 52 11.03 -6.17 -6.64
C LEU C 52 12.28 -5.88 -7.43
N ASN C 53 13.15 -5.05 -6.83
CA ASN C 53 14.48 -4.70 -7.34
C ASN C 53 15.58 -5.62 -6.83
N ASN C 54 15.19 -6.66 -6.08
CA ASN C 54 16.14 -7.67 -5.58
C ASN C 54 17.26 -7.09 -4.70
N ILE C 55 16.93 -6.12 -3.87
CA ILE C 55 17.97 -5.54 -3.01
C ILE C 55 17.55 -5.67 -1.56
N VAL C 56 18.51 -5.58 -0.63
CA VAL C 56 18.17 -5.69 0.79
C VAL C 56 18.31 -4.37 1.51
N SER C 57 18.68 -3.32 0.80
CA SER C 57 19.03 -2.04 1.44
C SER C 57 18.88 -0.91 0.46
N ALA C 58 18.69 0.30 0.97
CA ALA C 58 18.72 1.49 0.11
C ALA C 58 18.99 2.76 0.90
N PRO C 59 19.79 3.67 0.33
CA PRO C 59 19.99 4.94 0.98
C PRO C 59 18.75 5.79 0.90
N LEU C 60 18.46 6.54 1.95
CA LEU C 60 17.30 7.42 1.94
C LEU C 60 17.64 8.88 1.55
N TRP C 61 16.76 9.47 0.76
CA TRP C 61 16.90 10.84 0.33
C TRP C 61 15.87 11.75 0.97
N ASP C 62 16.35 12.82 1.60
CA ASP C 62 15.45 13.85 2.15
C ASP C 62 15.39 15.01 1.17
N SER C 63 14.31 15.03 0.41
CA SER C 63 14.37 15.67 -0.89
C SER C 63 14.15 17.17 -0.77
N GLU C 64 13.44 17.59 0.28
CA GLU C 64 13.24 19.01 0.53
C GLU C 64 14.57 19.71 0.86
N ALA C 65 15.46 19.05 1.59
CA ALA C 65 16.77 19.62 1.94
C ALA C 65 17.87 19.25 0.97
N ASN C 66 17.62 18.19 0.18
CA ASN C 66 18.64 17.59 -0.70
C ASN C 66 19.76 16.97 0.11
N LYS C 67 19.37 16.21 1.13
CA LYS C 67 20.32 15.64 2.04
C LYS C 67 20.04 14.19 2.22
N PHE C 68 21.14 13.44 2.35
CA PHE C 68 21.11 12.05 2.71
C PHE C 68 20.40 11.90 4.06
N ALA C 69 19.47 10.98 4.16
CA ALA C 69 18.58 10.93 5.29
C ALA C 69 18.67 9.61 6.00
N GLY C 70 19.74 8.87 5.76
CA GLY C 70 19.94 7.66 6.53
C GLY C 70 20.01 6.50 5.59
N LEU C 71 20.33 5.35 6.13
CA LEU C 71 20.49 4.18 5.32
C LEU C 71 19.45 3.18 5.76
N LEU C 72 18.65 2.69 4.83
CA LEU C 72 17.61 1.71 5.14
C LEU C 72 18.14 0.29 4.93
N THR C 73 18.16 -0.49 6.01
CA THR C 73 18.63 -1.87 5.96
C THR C 73 17.71 -2.74 6.79
N MET C 74 17.74 -4.07 6.55
CA MET C 74 16.94 -5.00 7.37
C MET C 74 17.08 -4.81 8.89
N ALA C 75 18.22 -4.30 9.36
CA ALA C 75 18.38 -3.94 10.77
C ALA C 75 17.28 -3.00 11.32
N ASP C 76 16.78 -2.11 10.50
CA ASP C 76 15.78 -1.19 10.97
C ASP C 76 14.57 -2.01 11.46
N PHE C 77 14.14 -2.96 10.63
CA PHE C 77 13.02 -3.84 10.98
C PHE C 77 13.30 -4.77 12.12
N VAL C 78 14.50 -5.34 12.14
CA VAL C 78 14.87 -6.25 13.20
C VAL C 78 14.85 -5.55 14.55
N ASN C 79 15.24 -4.27 14.56
CA ASN C 79 15.25 -3.54 15.82
C ASN C 79 13.87 -3.11 16.29
N VAL C 80 12.99 -2.79 15.38
CA VAL C 80 11.71 -2.38 15.84
C VAL C 80 10.94 -3.60 16.36
N ILE C 81 11.09 -4.76 15.71
CA ILE C 81 10.38 -5.96 16.12
C ILE C 81 10.81 -6.38 17.53
N LYS C 82 12.12 -6.52 17.73
CA LYS C 82 12.69 -6.81 19.03
C LYS C 82 12.04 -5.96 20.11
N TYR C 83 12.01 -4.66 19.83
CA TYR C 83 11.49 -3.70 20.78
C TYR C 83 10.06 -4.03 21.15
N TYR C 84 9.21 -4.20 20.12
CA TYR C 84 7.82 -4.57 20.33
C TYR C 84 7.65 -5.87 21.10
N TYR C 85 8.45 -6.89 20.77
CA TYR C 85 8.38 -8.16 21.53
C TYR C 85 8.77 -8.04 23.00
N GLN C 86 9.84 -7.30 23.27
CA GLN C 86 10.30 -7.07 24.63
C GLN C 86 9.47 -6.09 25.44
N SER C 87 8.60 -5.34 24.80
CA SER C 87 7.95 -4.26 25.52
C SER C 87 6.43 -4.26 25.49
N SER C 88 5.87 -4.74 24.40
CA SER C 88 4.43 -4.73 24.25
C SER C 88 3.80 -5.99 24.78
N SER C 89 2.77 -5.79 25.59
CA SER C 89 1.94 -6.87 26.08
C SER C 89 0.89 -7.25 25.03
N PHE C 90 1.04 -6.71 23.81
CA PHE C 90 0.05 -6.89 22.76
C PHE C 90 0.69 -7.37 21.47
N PRO C 91 0.50 -8.68 21.13
CA PRO C 91 1.20 -9.36 20.04
C PRO C 91 0.83 -8.79 18.69
N GLU C 92 -0.40 -8.31 18.53
CA GLU C 92 -0.78 -7.69 17.26
C GLU C 92 -0.34 -6.21 17.10
N ALA C 93 0.33 -5.67 18.10
CA ALA C 93 0.79 -4.27 18.06
C ALA C 93 1.85 -4.05 17.00
N ILE C 94 2.62 -5.09 16.75
CA ILE C 94 3.64 -5.06 15.71
C ILE C 94 3.05 -4.62 14.37
N ALA C 95 1.82 -5.04 14.07
CA ALA C 95 1.16 -4.68 12.82
C ALA C 95 1.18 -3.18 12.51
N GLU C 96 1.08 -2.36 13.56
CA GLU C 96 1.18 -0.91 13.51
C GLU C 96 2.24 -0.36 12.56
N ILE C 97 3.34 -1.09 12.41
CA ILE C 97 4.43 -0.63 11.56
C ILE C 97 3.90 -0.09 10.24
N ASP C 98 3.19 -0.93 9.47
CA ASP C 98 2.62 -0.55 8.16
C ASP C 98 2.11 0.89 7.98
N LYS C 99 1.62 1.52 9.03
CA LYS C 99 1.20 2.92 8.90
C LYS C 99 2.37 3.91 8.78
N PHE C 100 3.57 3.50 9.14
CA PHE C 100 4.69 4.44 9.21
C PHE C 100 5.29 4.75 7.84
N ARG C 101 5.68 6.02 7.69
CA ARG C 101 6.60 6.41 6.63
C ARG C 101 7.98 6.23 7.20
N LEU C 102 8.93 5.93 6.32
CA LEU C 102 10.30 5.64 6.68
C LEU C 102 10.86 6.62 7.70
N LEU C 103 10.48 7.88 7.55
CA LEU C 103 10.86 8.94 8.44
C LEU C 103 10.35 8.71 9.85
N GLY C 104 9.15 8.17 9.98
CA GLY C 104 8.56 7.92 11.27
C GLY C 104 8.99 6.58 11.85
N LEU C 105 9.48 5.71 11.00
CA LEU C 105 10.10 4.51 11.51
C LEU C 105 11.43 4.91 12.16
N ARG C 106 12.19 5.75 11.46
CA ARG C 106 13.44 6.25 11.95
C ARG C 106 13.30 7.08 13.21
N GLU C 107 12.16 7.73 13.42
CA GLU C 107 11.98 8.44 14.67
C GLU C 107 11.78 7.45 15.79
N VAL C 108 10.94 6.43 15.57
CA VAL C 108 10.74 5.42 16.60
C VAL C 108 12.08 4.82 17.01
N GLU C 109 12.90 4.45 16.02
CA GLU C 109 14.23 3.96 16.31
C GLU C 109 15.09 4.96 17.06
N ARG C 110 15.09 6.22 16.60
CA ARG C 110 15.84 7.26 17.26
C ARG C 110 15.42 7.28 18.73
N LYS C 111 14.13 7.43 18.98
CA LYS C 111 13.58 7.45 20.35
C LYS C 111 13.93 6.19 21.15
N ILE C 112 14.15 5.09 20.45
CA ILE C 112 14.28 3.81 21.11
C ILE C 112 15.73 3.45 21.41
N GLY C 113 16.65 4.28 20.91
CA GLY C 113 18.07 4.12 21.14
C GLY C 113 18.78 3.47 19.98
N ALA C 114 18.02 2.93 19.03
CA ALA C 114 18.56 2.04 18.03
C ALA C 114 19.39 2.70 16.92
N ILE C 115 19.49 4.01 16.95
CA ILE C 115 20.23 4.68 15.91
C ILE C 115 21.23 5.69 16.48
N PRO C 116 22.41 5.75 15.86
CA PRO C 116 23.39 6.79 16.21
C PRO C 116 22.87 8.18 15.93
N PRO C 117 23.38 9.18 16.66
CA PRO C 117 22.80 10.52 16.64
C PRO C 117 23.17 11.27 15.37
N GLU C 118 24.44 11.26 15.01
CA GLU C 118 24.87 11.66 13.67
C GLU C 118 25.42 10.47 12.88
N THR C 119 25.68 10.69 11.60
CA THR C 119 25.15 9.83 10.55
C THR C 119 26.26 9.35 9.62
N ILE C 120 26.66 8.09 9.80
CA ILE C 120 27.94 7.62 9.31
C ILE C 120 28.09 7.51 7.79
N TYR C 121 29.22 7.97 7.28
CA TYR C 121 29.44 8.06 5.82
C TYR C 121 30.87 8.51 5.57
N VAL C 122 31.33 8.41 4.32
CA VAL C 122 32.67 8.90 3.95
C VAL C 122 32.68 9.54 2.56
N HIS C 123 33.65 10.41 2.32
CA HIS C 123 33.88 10.94 0.99
C HIS C 123 34.45 9.81 0.11
N PRO C 124 33.88 9.61 -1.09
CA PRO C 124 34.37 8.56 -2.01
C PRO C 124 35.80 8.76 -2.52
N MET C 125 36.30 9.99 -2.46
CA MET C 125 37.68 10.27 -2.89
C MET C 125 38.68 10.17 -1.74
N HIS C 126 38.21 9.90 -0.52
CA HIS C 126 39.12 9.56 0.57
C HIS C 126 39.56 8.09 0.55
N SER C 127 40.44 7.74 1.48
CA SER C 127 41.02 6.42 1.47
C SER C 127 40.01 5.35 1.82
N LEU C 128 40.16 4.21 1.15
CA LEU C 128 39.36 3.03 1.42
C LEU C 128 39.49 2.64 2.88
N MET C 129 40.69 2.82 3.45
CA MET C 129 40.84 2.64 4.87
C MET C 129 39.76 3.40 5.66
N ASP C 130 39.50 4.65 5.28
CA ASP C 130 38.45 5.43 5.95
C ASP C 130 37.13 4.65 6.06
N ALA C 131 36.74 4.03 4.95
CA ALA C 131 35.52 3.23 4.90
C ALA C 131 35.55 2.06 5.89
N CYS C 132 36.70 1.40 6.04
CA CYS C 132 36.78 0.21 6.88
C CYS C 132 36.74 0.56 8.34
N LEU C 133 37.54 1.58 8.71
CA LEU C 133 37.61 2.02 10.10
C LEU C 133 36.21 2.35 10.61
N ALA C 134 35.42 3.02 9.78
CA ALA C 134 34.10 3.45 10.17
C ALA C 134 33.18 2.23 10.32
N MET C 135 33.13 1.39 9.28
CA MET C 135 32.36 0.15 9.30
C MET C 135 32.76 -0.79 10.41
N SER C 136 33.90 -0.56 11.04
CA SER C 136 34.33 -1.42 12.12
C SER C 136 34.27 -0.68 13.45
N LYS C 137 34.21 0.64 13.39
CA LYS C 137 34.05 1.48 14.58
C LYS C 137 32.61 1.39 15.04
N SER C 138 31.67 1.72 14.18
CA SER C 138 30.32 1.19 14.30
C SER C 138 30.43 -0.20 13.69
N ARG C 139 29.66 -1.16 14.14
CA ARG C 139 29.70 -2.47 13.48
C ARG C 139 28.75 -2.54 12.26
N ALA C 140 28.65 -1.45 11.49
CA ALA C 140 27.88 -1.42 10.25
C ALA C 140 28.55 -2.31 9.19
N ARG C 141 27.74 -3.01 8.41
CA ARG C 141 28.26 -3.93 7.41
C ARG C 141 28.15 -3.37 6.01
N ARG C 142 27.66 -2.12 5.91
CA ARG C 142 27.71 -1.31 4.68
C ARG C 142 27.70 0.21 4.97
N ILE C 143 28.22 0.99 4.04
CA ILE C 143 28.40 2.41 4.27
C ILE C 143 28.19 3.30 3.03
N PRO C 144 27.48 4.42 3.21
CA PRO C 144 27.28 5.33 2.11
C PRO C 144 28.52 6.12 1.75
N LEU C 145 28.74 6.28 0.45
CA LEU C 145 29.77 7.16 -0.07
C LEU C 145 29.07 8.44 -0.48
N ILE C 146 29.33 9.52 0.26
CA ILE C 146 28.62 10.78 0.11
C ILE C 146 29.60 11.91 -0.20
N ASP C 147 29.33 12.66 -1.26
CA ASP C 147 30.11 13.84 -1.67
C ASP C 147 29.18 15.09 -1.67
N VAL C 148 29.73 16.28 -1.84
CA VAL C 148 28.91 17.47 -1.82
C VAL C 148 29.16 18.34 -3.04
N ASP C 149 28.10 18.65 -3.80
CA ASP C 149 28.14 19.57 -4.94
C ASP C 149 28.18 20.97 -4.39
N GLY C 150 29.32 21.63 -4.49
CA GLY C 150 29.53 22.95 -3.92
C GLY C 150 28.77 24.07 -4.63
N GLU C 151 28.25 23.80 -5.81
CA GLU C 151 27.41 24.77 -6.50
C GLU C 151 26.03 24.87 -5.86
N THR C 152 25.58 23.79 -5.21
CA THR C 152 24.27 23.78 -4.56
C THR C 152 24.31 23.49 -3.05
N GLY C 153 25.37 22.82 -2.60
CA GLY C 153 25.49 22.40 -1.20
C GLY C 153 24.74 21.11 -0.97
N SER C 154 23.94 20.72 -1.97
CA SER C 154 23.25 19.45 -1.95
C SER C 154 24.29 18.34 -1.91
N GLU C 155 23.90 17.22 -1.30
CA GLU C 155 24.78 16.08 -1.11
C GLU C 155 24.65 15.14 -2.27
N MET C 156 25.71 14.42 -2.58
CA MET C 156 25.68 13.50 -3.70
C MET C 156 25.96 12.06 -3.25
N ILE C 157 24.91 11.27 -3.12
CA ILE C 157 25.08 9.87 -2.77
C ILE C 157 25.68 9.13 -3.96
N VAL C 158 26.95 8.79 -3.87
CA VAL C 158 27.61 8.16 -5.00
C VAL C 158 27.37 6.65 -5.00
N SER C 159 27.54 6.01 -3.85
CA SER C 159 27.27 4.58 -3.74
C SER C 159 27.18 4.14 -2.30
N VAL C 160 26.90 2.86 -2.09
CA VAL C 160 26.95 2.27 -0.79
C VAL C 160 27.96 1.16 -0.92
N LEU C 161 28.92 1.11 -0.01
CA LEU C 161 29.95 0.12 -0.04
C LEU C 161 29.64 -0.93 1.03
N THR C 162 29.63 -2.20 0.64
CA THR C 162 29.45 -3.31 1.59
C THR C 162 30.80 -3.91 1.94
N GLN C 163 30.89 -4.59 3.08
CA GLN C 163 32.09 -5.36 3.40
C GLN C 163 32.42 -6.40 2.31
N TYR C 164 31.43 -7.17 1.90
CA TYR C 164 31.64 -8.13 0.84
C TYR C 164 32.35 -7.51 -0.36
N ARG C 165 31.90 -6.33 -0.81
CA ARG C 165 32.51 -5.80 -2.05
C ARG C 165 33.92 -5.20 -1.86
N ILE C 166 34.26 -4.92 -0.60
CA ILE C 166 35.61 -4.52 -0.32
C ILE C 166 36.52 -5.73 -0.40
N LEU C 167 36.13 -6.82 0.25
CA LEU C 167 36.90 -8.06 0.21
C LEU C 167 37.05 -8.69 -1.17
N LYS C 168 36.00 -8.62 -2.00
CA LYS C 168 36.08 -9.11 -3.37
C LYS C 168 37.14 -8.32 -4.13
N PHE C 169 37.08 -7.01 -3.96
CA PHE C 169 38.00 -6.08 -4.57
C PHE C 169 39.43 -6.43 -4.21
N ILE C 170 39.64 -6.74 -2.94
CA ILE C 170 40.94 -7.12 -2.44
C ILE C 170 41.32 -8.47 -3.04
N SER C 171 40.35 -9.37 -3.15
CA SER C 171 40.62 -10.72 -3.66
C SER C 171 41.08 -10.68 -5.10
N MET C 172 40.50 -9.77 -5.87
CA MET C 172 40.81 -9.66 -7.29
C MET C 172 42.05 -8.84 -7.62
N ASN C 173 42.52 -8.03 -6.67
CA ASN C 173 43.56 -7.07 -6.94
C ASN C 173 44.89 -7.34 -6.22
N CYS C 174 44.87 -8.13 -5.16
CA CYS C 174 46.08 -8.43 -4.39
C CYS C 174 46.59 -9.85 -4.52
N LYS C 175 47.68 -10.02 -5.29
CA LYS C 175 48.36 -11.32 -5.43
C LYS C 175 48.68 -11.96 -4.08
N GLU C 176 48.89 -11.12 -3.08
CA GLU C 176 49.32 -11.54 -1.75
C GLU C 176 48.25 -12.28 -0.93
N THR C 177 47.03 -12.41 -1.45
CA THR C 177 46.04 -13.21 -0.73
C THR C 177 46.47 -14.65 -0.75
N ALA C 178 47.20 -15.02 -1.80
CA ALA C 178 47.62 -16.39 -2.05
C ALA C 178 48.76 -16.80 -1.12
N MET C 179 49.25 -15.85 -0.34
CA MET C 179 50.37 -16.11 0.53
C MET C 179 49.93 -16.16 1.99
N LEU C 180 48.63 -15.98 2.22
CA LEU C 180 48.02 -16.24 3.52
C LEU C 180 47.73 -17.73 3.72
N ARG C 181 48.75 -18.45 4.16
CA ARG C 181 48.69 -19.88 4.20
C ARG C 181 48.62 -20.43 5.62
N VAL C 182 48.22 -19.60 6.58
CA VAL C 182 48.13 -20.05 7.97
C VAL C 182 46.73 -20.53 8.33
N PRO C 183 46.63 -21.79 8.78
CA PRO C 183 45.33 -22.35 9.12
C PRO C 183 44.65 -21.54 10.22
N LEU C 184 43.35 -21.41 10.08
CA LEU C 184 42.50 -20.65 11.00
C LEU C 184 42.76 -20.93 12.46
N ASN C 185 42.98 -22.19 12.80
CA ASN C 185 43.14 -22.62 14.19
C ASN C 185 44.44 -22.19 14.86
N GLN C 186 45.35 -21.62 14.07
CA GLN C 186 46.59 -21.08 14.61
C GLN C 186 46.42 -19.58 14.90
N MET C 187 45.73 -18.88 13.99
CA MET C 187 45.48 -17.44 14.17
C MET C 187 44.43 -17.15 15.24
N THR C 188 44.20 -15.88 15.53
CA THR C 188 43.17 -15.46 16.46
C THR C 188 42.15 -14.65 15.67
N ILE C 189 41.02 -15.28 15.38
CA ILE C 189 40.08 -14.81 14.37
C ILE C 189 38.76 -15.59 14.55
N GLY C 190 37.61 -14.98 14.26
CA GLY C 190 36.32 -15.64 14.48
C GLY C 190 35.87 -15.86 15.92
N THR C 191 34.64 -16.35 16.07
CA THR C 191 34.07 -16.67 17.38
C THR C 191 33.92 -18.18 17.52
N TRP C 192 34.34 -18.72 18.67
CA TRP C 192 34.47 -20.17 18.86
C TRP C 192 33.78 -20.66 20.10
N SER C 193 33.04 -19.80 20.77
CA SER C 193 32.31 -20.22 21.96
C SER C 193 31.18 -19.26 22.13
N ASN C 194 30.13 -19.71 22.83
CA ASN C 194 28.91 -18.92 23.05
C ASN C 194 28.17 -18.59 21.77
N LEU C 195 28.21 -19.50 20.81
CA LEU C 195 27.49 -19.26 19.56
C LEU C 195 26.00 -19.13 19.86
N ALA C 196 25.34 -18.18 19.22
CA ALA C 196 23.88 -18.13 19.24
C ALA C 196 23.50 -19.06 18.14
N THR C 197 22.75 -20.08 18.51
CA THR C 197 22.38 -21.12 17.57
C THR C 197 20.86 -21.25 17.67
N ALA C 198 20.26 -21.90 16.68
CA ALA C 198 18.83 -22.17 16.76
C ALA C 198 18.52 -23.46 16.04
N SER C 199 17.31 -23.96 16.24
CA SER C 199 16.86 -25.18 15.61
C SER C 199 15.64 -24.86 14.78
N MET C 200 15.10 -25.86 14.11
CA MET C 200 13.90 -25.70 13.30
C MET C 200 12.68 -25.38 14.18
N GLU C 201 12.68 -25.93 15.38
CA GLU C 201 11.61 -25.77 16.33
C GLU C 201 11.54 -24.34 16.87
N THR C 202 12.67 -23.65 16.87
CA THR C 202 12.78 -22.31 17.41
C THR C 202 11.84 -21.33 16.72
N LYS C 203 11.31 -20.36 17.49
CA LYS C 203 10.39 -19.39 16.94
C LYS C 203 11.14 -18.21 16.35
N VAL C 204 10.61 -17.67 15.26
CA VAL C 204 11.33 -16.65 14.50
C VAL C 204 11.63 -15.42 15.33
N TYR C 205 10.65 -14.97 16.09
CA TYR C 205 10.90 -13.85 16.96
C TYR C 205 11.99 -14.14 18.02
N ASP C 206 12.19 -15.40 18.41
CA ASP C 206 13.34 -15.67 19.29
C ASP C 206 14.68 -15.51 18.53
N VAL C 207 14.70 -15.94 17.27
CA VAL C 207 15.86 -15.77 16.41
C VAL C 207 16.10 -14.27 16.18
N ILE C 208 15.03 -13.51 16.09
CA ILE C 208 15.20 -12.09 15.85
C ILE C 208 15.74 -11.39 17.08
N LYS C 209 15.31 -11.82 18.25
CA LYS C 209 15.85 -11.29 19.50
C LYS C 209 17.34 -11.62 19.62
N MET C 210 17.75 -12.84 19.34
CA MET C 210 19.17 -13.15 19.28
C MET C 210 19.90 -12.16 18.36
N LEU C 211 19.37 -11.92 17.16
CA LEU C 211 20.05 -11.04 16.17
C LEU C 211 20.24 -9.62 16.67
N ALA C 212 19.20 -9.08 17.28
CA ALA C 212 19.30 -7.75 17.82
C ALA C 212 20.25 -7.70 19.03
N GLU C 213 20.11 -8.66 19.94
CA GLU C 213 20.85 -8.65 21.21
C GLU C 213 22.38 -8.79 21.04
N LYS C 214 22.79 -9.66 20.12
CA LYS C 214 24.22 -9.89 19.88
C LYS C 214 24.81 -9.06 18.73
N ASN C 215 24.01 -8.18 18.13
CA ASN C 215 24.38 -7.46 16.90
C ASN C 215 25.10 -8.41 15.97
N ILE C 216 24.37 -9.45 15.57
CA ILE C 216 24.86 -10.39 14.61
C ILE C 216 23.92 -10.41 13.40
N SER C 217 24.46 -10.75 12.23
CA SER C 217 23.65 -10.62 11.03
C SER C 217 22.94 -11.91 10.65
N ALA C 218 23.26 -13.00 11.35
CA ALA C 218 22.76 -14.33 11.01
C ALA C 218 22.86 -15.30 12.19
N VAL C 219 22.09 -16.39 12.17
CA VAL C 219 22.05 -17.37 13.26
C VAL C 219 21.97 -18.77 12.72
N PRO C 220 22.93 -19.64 13.10
CA PRO C 220 23.00 -20.99 12.51
C PRO C 220 21.97 -21.92 13.09
N ILE C 221 21.42 -22.77 12.25
CA ILE C 221 20.42 -23.69 12.70
C ILE C 221 21.02 -25.04 12.70
N VAL C 222 20.89 -25.70 13.84
CA VAL C 222 21.49 -27.00 14.04
C VAL C 222 20.43 -28.02 14.45
N ASN C 223 20.79 -29.29 14.34
CA ASN C 223 19.90 -30.29 14.82
C ASN C 223 20.28 -30.64 16.27
N SER C 224 19.55 -31.58 16.87
CA SER C 224 19.84 -32.02 18.23
C SER C 224 21.32 -32.34 18.44
N GLU C 225 21.98 -32.83 17.37
CA GLU C 225 23.36 -33.35 17.47
C GLU C 225 24.32 -32.24 17.19
N GLY C 226 23.79 -31.14 16.69
CA GLY C 226 24.59 -29.98 16.43
C GLY C 226 25.26 -30.08 15.10
N THR C 227 24.71 -30.89 14.18
CA THR C 227 25.17 -30.72 12.83
C THR C 227 24.51 -29.49 12.22
N LEU C 228 25.23 -28.86 11.30
CA LEU C 228 24.76 -27.63 10.68
C LEU C 228 23.77 -28.01 9.60
N LEU C 229 22.60 -27.38 9.65
CA LEU C 229 21.56 -27.62 8.68
C LEU C 229 21.37 -26.45 7.72
N ASN C 230 21.36 -25.25 8.26
CA ASN C 230 21.00 -24.05 7.53
C ASN C 230 21.25 -22.83 8.39
N VAL C 231 20.67 -21.69 8.00
CA VAL C 231 20.96 -20.40 8.65
C VAL C 231 19.72 -19.55 8.61
N TYR C 232 19.61 -18.61 9.53
CA TYR C 232 18.51 -17.67 9.44
C TYR C 232 19.06 -16.24 9.50
N GLU C 233 19.02 -15.56 8.35
CA GLU C 233 19.66 -14.26 8.19
C GLU C 233 18.69 -13.14 8.43
N SER C 234 19.19 -12.00 8.89
CA SER C 234 18.35 -10.82 9.00
C SER C 234 17.69 -10.52 7.67
N VAL C 235 18.34 -10.78 6.54
CA VAL C 235 17.66 -10.59 5.23
C VAL C 235 16.47 -11.55 5.05
N ASP C 236 16.47 -12.67 5.75
CA ASP C 236 15.34 -13.61 5.71
C ASP C 236 14.08 -13.04 6.32
N VAL C 237 14.24 -12.08 7.22
CA VAL C 237 13.10 -11.47 7.88
C VAL C 237 12.29 -10.66 6.86
N MET C 238 12.99 -10.11 5.89
CA MET C 238 12.32 -9.38 4.85
C MET C 238 11.31 -10.19 4.09
N HIS C 239 11.53 -11.49 3.97
CA HIS C 239 10.64 -12.29 3.14
C HIS C 239 9.39 -12.74 3.87
N LEU C 240 9.42 -12.68 5.18
CA LEU C 240 8.29 -13.06 5.98
C LEU C 240 7.33 -11.90 6.09
N ILE C 241 7.85 -10.70 6.21
CA ILE C 241 6.99 -9.55 6.39
C ILE C 241 6.62 -8.83 5.11
N GLN C 242 7.06 -9.34 3.96
CA GLN C 242 6.89 -8.57 2.72
C GLN C 242 5.44 -8.32 2.34
N ASP C 243 4.53 -9.16 2.81
CA ASP C 243 3.12 -9.00 2.43
C ASP C 243 2.25 -8.41 3.54
N GLY C 244 2.89 -7.96 4.60
CA GLY C 244 2.19 -7.34 5.70
C GLY C 244 1.74 -8.35 6.72
N ASP C 245 2.17 -9.60 6.55
CA ASP C 245 1.79 -10.67 7.47
C ASP C 245 2.78 -10.73 8.61
N TYR C 246 2.62 -9.82 9.56
CA TYR C 246 3.52 -9.73 10.71
C TYR C 246 3.30 -10.85 11.73
N SER C 247 2.29 -11.68 11.48
CA SER C 247 2.09 -12.88 12.26
C SER C 247 2.96 -14.05 11.77
N ASN C 248 3.52 -13.94 10.57
CA ASN C 248 4.51 -14.92 10.08
C ASN C 248 5.72 -14.96 11.00
N LEU C 249 5.77 -14.02 11.94
CA LEU C 249 6.82 -14.01 12.95
C LEU C 249 6.66 -15.11 14.01
N ASP C 250 5.45 -15.59 14.24
CA ASP C 250 5.22 -16.68 15.19
C ASP C 250 5.50 -18.05 14.60
N LEU C 251 5.90 -18.07 13.34
CA LEU C 251 6.24 -19.32 12.69
C LEU C 251 7.48 -19.87 13.38
N SER C 252 7.62 -21.20 13.36
CA SER C 252 8.87 -21.82 13.73
C SER C 252 9.89 -21.51 12.62
N VAL C 253 11.16 -21.72 12.90
CA VAL C 253 12.17 -21.39 11.91
C VAL C 253 12.00 -22.27 10.67
N GLY C 254 11.59 -23.51 10.91
CA GLY C 254 11.50 -24.49 9.86
C GLY C 254 10.44 -24.06 8.88
N GLU C 255 9.25 -23.77 9.41
CA GLU C 255 8.15 -23.28 8.59
C GLU C 255 8.56 -22.06 7.75
N ALA C 256 9.35 -21.18 8.32
CA ALA C 256 9.69 -19.90 7.70
C ALA C 256 10.77 -20.09 6.67
N LEU C 257 11.56 -21.14 6.84
CA LEU C 257 12.68 -21.40 5.97
C LEU C 257 12.19 -22.05 4.69
N LEU C 258 10.92 -22.42 4.66
CA LEU C 258 10.29 -23.05 3.50
C LEU C 258 9.75 -21.98 2.59
N LYS C 259 9.53 -20.80 3.15
CA LYS C 259 9.02 -19.69 2.39
C LYS C 259 10.14 -19.03 1.62
N ARG C 260 11.31 -19.65 1.58
CA ARG C 260 12.52 -19.06 1.02
C ARG C 260 12.71 -19.34 -0.46
N PRO C 261 12.87 -18.27 -1.27
CA PRO C 261 13.01 -18.39 -2.73
C PRO C 261 14.44 -18.80 -3.10
N ALA C 262 14.58 -19.59 -4.16
CA ALA C 262 15.89 -20.05 -4.60
C ALA C 262 16.53 -19.04 -5.54
N ASN C 263 17.74 -18.62 -5.21
CA ASN C 263 18.02 -17.22 -4.88
C ASN C 263 19.15 -17.07 -3.87
N PHE C 264 19.37 -18.11 -3.07
CA PHE C 264 19.85 -17.96 -1.71
C PHE C 264 21.35 -18.21 -1.61
N ASP C 265 22.11 -17.15 -1.38
CA ASP C 265 23.57 -17.23 -1.47
C ASP C 265 24.12 -18.59 -1.06
N GLY C 266 23.34 -19.35 -0.31
CA GLY C 266 23.79 -20.63 0.19
C GLY C 266 24.43 -20.46 1.55
N VAL C 267 24.88 -21.57 2.10
CA VAL C 267 25.60 -21.59 3.37
C VAL C 267 27.03 -22.10 3.11
N HIS C 268 28.03 -21.34 3.54
CA HIS C 268 29.42 -21.71 3.26
C HIS C 268 30.13 -22.23 4.48
N THR C 269 30.94 -23.25 4.27
CA THR C 269 31.56 -23.93 5.39
C THR C 269 33.01 -24.15 5.09
N CYS C 270 33.82 -24.10 6.14
CA CYS C 270 35.20 -24.47 6.07
C CYS C 270 35.55 -25.30 7.29
N ARG C 271 36.62 -26.08 7.16
CA ARG C 271 37.24 -26.76 8.29
C ARG C 271 38.06 -25.74 9.08
N ALA C 272 38.45 -26.11 10.30
CA ALA C 272 39.33 -25.28 11.11
C ALA C 272 40.75 -25.25 10.55
N THR C 273 41.11 -26.27 9.79
CA THR C 273 42.44 -26.30 9.20
C THR C 273 42.53 -25.43 7.94
N ASP C 274 41.40 -24.95 7.45
CA ASP C 274 41.40 -24.05 6.29
C ASP C 274 42.12 -22.71 6.54
N ARG C 275 42.68 -22.14 5.49
CA ARG C 275 43.41 -20.89 5.64
C ARG C 275 42.73 -19.74 4.90
N LEU C 276 43.16 -18.50 5.13
CA LEU C 276 42.59 -17.31 4.44
C LEU C 276 42.82 -17.29 2.92
N ASP C 277 43.87 -17.96 2.43
CA ASP C 277 44.14 -17.94 1.00
C ASP C 277 42.96 -18.55 0.18
N GLY C 278 42.42 -19.67 0.64
CA GLY C 278 41.29 -20.30 -0.02
C GLY C 278 39.99 -19.52 0.11
N ILE C 279 39.83 -18.83 1.24
CA ILE C 279 38.61 -18.08 1.50
C ILE C 279 38.49 -16.87 0.58
N PHE C 280 39.57 -16.11 0.44
CA PHE C 280 39.60 -15.04 -0.56
C PHE C 280 39.31 -15.58 -1.94
N ASP C 281 39.57 -16.86 -2.14
CA ASP C 281 39.23 -17.43 -3.41
C ASP C 281 37.76 -17.76 -3.51
N ALA C 282 37.19 -18.27 -2.43
CA ALA C 282 35.76 -18.50 -2.39
C ALA C 282 35.09 -17.17 -2.65
N ILE C 283 35.63 -16.11 -2.05
CA ILE C 283 35.06 -14.78 -2.19
C ILE C 283 35.18 -14.27 -3.62
N LYS C 284 36.35 -14.50 -4.23
CA LYS C 284 36.60 -14.05 -5.59
C LYS C 284 35.51 -14.49 -6.57
N HIS C 285 34.99 -15.69 -6.37
CA HIS C 285 34.12 -16.28 -7.36
C HIS C 285 32.69 -16.51 -6.89
N SER C 286 32.40 -16.15 -5.65
CA SER C 286 31.07 -16.39 -5.10
C SER C 286 30.70 -15.43 -3.97
N ARG C 287 29.40 -15.30 -3.72
CA ARG C 287 28.90 -14.37 -2.72
C ARG C 287 28.80 -15.06 -1.38
N VAL C 288 29.89 -15.01 -0.62
CA VAL C 288 29.94 -15.52 0.75
C VAL C 288 29.63 -14.38 1.70
N HIS C 289 28.81 -14.60 2.71
CA HIS C 289 28.67 -13.58 3.74
C HIS C 289 29.26 -13.97 5.06
N ARG C 290 29.69 -15.21 5.15
CA ARG C 290 30.24 -15.70 6.36
C ARG C 290 30.54 -17.17 6.17
N LEU C 291 31.47 -17.66 6.96
CA LEU C 291 31.87 -19.04 6.89
C LEU C 291 31.59 -19.69 8.22
N PHE C 292 30.84 -20.78 8.20
CA PHE C 292 30.70 -21.58 9.39
C PHE C 292 31.79 -22.63 9.36
N VAL C 293 32.52 -22.71 10.47
CA VAL C 293 33.59 -23.68 10.66
C VAL C 293 33.05 -24.94 11.31
N VAL C 294 33.29 -26.06 10.63
CA VAL C 294 32.68 -27.35 10.97
C VAL C 294 33.72 -28.50 10.98
N ASP C 295 33.35 -29.64 11.53
CA ASP C 295 34.27 -30.78 11.53
C ASP C 295 33.94 -31.76 10.41
N GLU C 296 34.52 -32.97 10.46
CA GLU C 296 34.28 -34.01 9.45
C GLU C 296 32.78 -34.20 9.22
N ASN C 297 32.06 -34.35 10.32
CA ASN C 297 30.62 -34.65 10.34
C ASN C 297 29.70 -33.43 10.38
N LEU C 298 30.18 -32.30 9.87
CA LEU C 298 29.33 -31.11 9.76
C LEU C 298 28.88 -30.60 11.11
N LYS C 299 29.70 -30.77 12.14
CA LYS C 299 29.35 -30.25 13.46
C LYS C 299 29.93 -28.86 13.57
N LEU C 300 29.12 -27.93 14.10
CA LEU C 300 29.50 -26.54 14.21
C LEU C 300 30.55 -26.31 15.29
N GLU C 301 31.62 -25.62 14.90
CA GLU C 301 32.70 -25.28 15.81
C GLU C 301 32.83 -23.79 16.08
N GLY C 302 32.36 -22.97 15.14
CA GLY C 302 32.52 -21.53 15.24
C GLY C 302 32.20 -20.82 13.95
N ILE C 303 32.36 -19.50 13.95
CA ILE C 303 31.94 -18.66 12.84
C ILE C 303 33.00 -17.66 12.42
N LEU C 304 33.29 -17.66 11.13
CA LEU C 304 34.21 -16.71 10.60
C LEU C 304 33.42 -15.75 9.72
N SER C 305 33.35 -14.51 10.17
CA SER C 305 32.48 -13.50 9.57
C SER C 305 33.25 -12.47 8.73
N LEU C 306 32.56 -11.71 7.89
CA LEU C 306 33.23 -10.75 7.00
C LEU C 306 33.94 -9.63 7.76
N ALA C 307 33.26 -9.11 8.79
CA ALA C 307 33.88 -8.14 9.67
C ALA C 307 35.18 -8.74 10.18
N ASP C 308 35.06 -9.93 10.78
CA ASP C 308 36.17 -10.74 11.29
C ASP C 308 37.39 -10.68 10.37
N ILE C 309 37.19 -10.95 9.10
CA ILE C 309 38.27 -10.96 8.12
C ILE C 309 38.81 -9.57 7.85
N LEU C 310 37.92 -8.61 7.67
CA LEU C 310 38.31 -7.25 7.37
C LEU C 310 39.11 -6.73 8.54
N ASN C 311 38.56 -6.94 9.74
CA ASN C 311 39.22 -6.50 10.99
C ASN C 311 40.59 -7.14 11.20
N TYR C 312 40.71 -8.40 10.85
CA TYR C 312 41.99 -9.09 10.97
C TYR C 312 43.03 -8.48 10.03
N ILE C 313 42.62 -7.93 8.90
CA ILE C 313 43.62 -7.41 8.00
C ILE C 313 43.83 -5.92 8.14
N ILE C 314 42.79 -5.19 8.52
CA ILE C 314 42.93 -3.75 8.57
C ILE C 314 43.71 -3.30 9.78
N TYR C 315 43.64 -4.05 10.87
CA TYR C 315 44.38 -3.63 12.06
C TYR C 315 45.78 -4.23 12.04
N ASP C 316 46.75 -3.46 12.55
CA ASP C 316 48.15 -3.90 12.73
C ASP C 316 48.25 -4.95 13.83
N LYS C 317 49.15 -5.93 13.67
CA LYS C 317 49.18 -7.07 14.59
C LYS C 317 50.17 -6.89 15.75
N ASP C 328 22.81 -7.32 24.91
CA ASP C 328 21.38 -6.98 24.87
C ASP C 328 21.17 -5.55 24.42
N ASN C 329 21.03 -5.35 23.11
CA ASN C 329 20.17 -4.29 22.58
C ASN C 329 19.87 -4.50 21.10
N PHE C 330 20.82 -4.17 20.25
CA PHE C 330 20.52 -3.53 18.96
C PHE C 330 21.49 -3.99 17.86
N GLU C 331 20.95 -4.14 16.64
CA GLU C 331 21.71 -4.57 15.49
C GLU C 331 22.05 -3.41 14.53
N SER C 332 23.31 -3.38 14.09
CA SER C 332 23.81 -2.37 13.17
C SER C 332 23.35 -2.62 11.76
N ALA C 333 23.38 -1.56 10.95
CA ALA C 333 23.11 -1.68 9.50
C ALA C 333 23.61 -2.99 8.92
N VAL C 334 22.74 -3.66 8.16
CA VAL C 334 23.02 -5.00 7.64
C VAL C 334 23.16 -5.00 6.11
N ASN D 11 -5.38 -12.39 8.69
CA ASN D 11 -5.93 -13.66 9.24
C ASN D 11 -7.40 -13.52 9.76
N LYS D 12 -7.67 -13.99 10.99
CA LYS D 12 -9.01 -14.40 11.43
C LYS D 12 -9.60 -13.57 12.60
N TRP D 13 -10.94 -13.48 12.67
CA TRP D 13 -11.67 -12.70 13.71
C TRP D 13 -11.82 -13.39 15.08
N HIS D 14 -11.27 -12.80 16.12
CA HIS D 14 -11.44 -13.28 17.49
C HIS D 14 -12.05 -12.12 18.25
N PHE D 15 -12.61 -12.40 19.41
CA PHE D 15 -13.04 -11.31 20.28
C PHE D 15 -11.86 -10.63 20.92
N GLY D 16 -12.05 -9.34 21.21
CA GLY D 16 -11.17 -8.53 22.02
C GLY D 16 -9.82 -8.44 21.36
N VAL D 17 -8.87 -7.88 22.08
CA VAL D 17 -7.50 -7.90 21.63
C VAL D 17 -6.72 -8.92 22.47
N ARG D 18 -5.76 -9.59 21.83
CA ARG D 18 -4.86 -10.53 22.49
C ARG D 18 -3.84 -9.76 23.31
N CYS D 19 -3.58 -10.25 24.52
CA CYS D 19 -2.48 -9.79 25.34
C CYS D 19 -1.57 -10.96 25.69
N ARG D 20 -0.35 -10.61 26.09
CA ARG D 20 0.71 -11.56 26.39
CA ARG D 20 0.65 -11.60 26.45
C ARG D 20 1.41 -11.20 27.73
N GLY D 21 1.92 -12.20 28.44
CA GLY D 21 2.71 -11.95 29.63
C GLY D 21 1.93 -12.13 30.92
N ASP D 22 2.10 -11.18 31.84
CA ASP D 22 1.53 -11.27 33.18
C ASP D 22 0.37 -10.31 33.33
N ALA D 23 -0.77 -10.84 33.77
CA ALA D 23 -2.01 -10.06 33.86
C ALA D 23 -1.84 -8.71 34.57
N PRO D 24 -1.18 -8.70 35.73
CA PRO D 24 -1.10 -7.43 36.44
C PRO D 24 -0.50 -6.31 35.58
N GLU D 25 0.56 -6.62 34.83
CA GLU D 25 1.19 -5.65 33.92
C GLU D 25 0.18 -5.16 32.88
N ILE D 26 -0.55 -6.10 32.29
CA ILE D 26 -1.50 -5.80 31.25
C ILE D 26 -2.56 -4.85 31.74
N LEU D 27 -2.98 -5.03 33.00
CA LEU D 27 -4.02 -4.19 33.58
C LEU D 27 -3.44 -2.80 33.61
N LEU D 28 -2.21 -2.69 34.10
CA LEU D 28 -1.44 -1.44 34.06
C LEU D 28 -1.44 -0.78 32.67
N ALA D 29 -1.07 -1.54 31.64
CA ALA D 29 -1.01 -1.00 30.28
C ALA D 29 -2.38 -0.49 29.87
N VAL D 30 -3.42 -1.25 30.23
CA VAL D 30 -4.77 -0.83 29.90
C VAL D 30 -5.06 0.52 30.55
N TYR D 31 -4.66 0.72 31.79
CA TYR D 31 -5.04 1.93 32.45
C TYR D 31 -4.34 3.10 31.81
N ARG D 32 -3.05 2.90 31.53
CA ARG D 32 -2.23 3.91 30.87
C ARG D 32 -2.82 4.29 29.51
N ALA D 33 -3.35 3.30 28.80
CA ALA D 33 -3.92 3.56 27.50
C ALA D 33 -5.19 4.41 27.63
N LEU D 34 -6.12 3.94 28.46
CA LEU D 34 -7.36 4.67 28.77
C LEU D 34 -7.07 6.12 29.13
N GLN D 35 -6.07 6.31 29.98
CA GLN D 35 -5.71 7.61 30.43
C GLN D 35 -5.26 8.47 29.26
N ARG D 36 -4.38 7.92 28.43
CA ARG D 36 -3.90 8.65 27.26
C ARG D 36 -5.03 8.80 26.23
N ALA D 37 -6.10 8.03 26.41
CA ALA D 37 -7.21 8.05 25.49
C ALA D 37 -8.34 8.99 25.94
N GLY D 38 -8.13 9.69 27.05
CA GLY D 38 -9.14 10.62 27.54
C GLY D 38 -10.09 10.07 28.58
N ALA D 39 -10.38 8.78 28.51
CA ALA D 39 -11.38 8.11 29.36
C ALA D 39 -11.24 8.31 30.87
N GLN D 40 -12.32 7.96 31.60
CA GLN D 40 -12.29 7.84 33.06
C GLN D 40 -12.65 6.41 33.43
N PHE D 41 -12.39 6.03 34.69
CA PHE D 41 -12.42 4.62 35.03
C PHE D 41 -12.49 4.32 36.51
N THR D 42 -12.93 3.09 36.82
CA THR D 42 -12.93 2.55 38.18
C THR D 42 -11.58 1.95 38.53
N VAL D 43 -11.21 2.15 39.79
CA VAL D 43 -10.00 1.60 40.41
C VAL D 43 -10.42 0.30 41.08
N PRO D 44 -9.56 -0.74 41.06
CA PRO D 44 -9.93 -1.90 41.85
C PRO D 44 -10.20 -1.43 43.26
N LYS D 45 -11.36 -1.81 43.79
CA LYS D 45 -11.63 -1.64 45.21
C LYS D 45 -11.39 -2.96 45.93
N PRO D 46 -10.53 -2.95 46.96
CA PRO D 46 -10.30 -4.19 47.68
C PRO D 46 -11.47 -4.52 48.61
N VAL D 47 -11.67 -5.83 48.87
CA VAL D 47 -12.65 -6.28 49.84
C VAL D 47 -11.92 -7.01 50.96
N ASN D 48 -12.27 -6.67 52.20
CA ASN D 48 -11.73 -7.37 53.36
C ASN D 48 -10.22 -7.44 53.32
N GLY D 49 -9.57 -6.35 52.92
CA GLY D 49 -8.11 -6.26 53.02
C GLY D 49 -7.36 -6.73 51.78
N LYS D 50 -8.04 -7.43 50.88
CA LYS D 50 -7.39 -7.95 49.68
C LYS D 50 -8.14 -7.62 48.39
N TYR D 51 -7.41 -7.50 47.29
CA TYR D 51 -8.03 -7.30 46.00
C TYR D 51 -8.53 -8.63 45.45
N ARG D 52 -9.67 -8.59 44.74
CA ARG D 52 -10.22 -9.82 44.16
C ARG D 52 -10.19 -9.75 42.64
N SER D 53 -10.64 -10.84 42.00
CA SER D 53 -10.78 -10.89 40.55
C SER D 53 -11.57 -9.71 39.98
N ASP D 54 -12.49 -9.15 40.78
CA ASP D 54 -13.22 -7.93 40.44
C ASP D 54 -12.30 -6.90 39.81
N MET D 55 -11.02 -7.06 40.14
CA MET D 55 -9.91 -6.23 39.69
C MET D 55 -9.88 -6.07 38.18
N TYR D 56 -10.06 -7.19 37.48
CA TYR D 56 -9.82 -7.23 36.04
C TYR D 56 -11.03 -6.78 35.24
N THR D 57 -11.89 -6.04 35.93
CA THR D 57 -13.13 -5.54 35.37
C THR D 57 -13.08 -4.02 35.52
N ILE D 58 -12.80 -3.34 34.42
CA ILE D 58 -12.83 -1.89 34.43
C ILE D 58 -14.10 -1.41 33.77
N LYS D 59 -14.85 -0.62 34.52
CA LYS D 59 -15.90 0.19 33.92
C LYS D 59 -15.28 1.54 33.58
N SER D 60 -15.43 1.98 32.34
CA SER D 60 -14.85 3.27 31.92
C SER D 60 -15.91 4.14 31.34
N ARG D 61 -15.65 5.44 31.30
CA ARG D 61 -16.59 6.39 30.72
C ARG D 61 -15.84 7.45 29.91
N TRP D 62 -16.42 7.82 28.77
CA TRP D 62 -15.76 8.64 27.76
C TRP D 62 -16.64 9.80 27.30
N GLU D 63 -16.13 11.02 27.43
CA GLU D 63 -16.75 12.17 26.78
C GLU D 63 -16.76 11.84 25.29
N ILE D 64 -17.92 11.56 24.72
CA ILE D 64 -17.98 11.26 23.29
C ILE D 64 -17.67 12.52 22.47
N PRO D 65 -16.56 12.48 21.70
CA PRO D 65 -15.99 13.57 20.90
C PRO D 65 -17.01 14.47 20.20
N HIS D 66 -17.68 13.96 19.17
CA HIS D 66 -18.50 14.80 18.29
C HIS D 66 -19.67 15.52 18.98
N CYS D 67 -20.09 15.00 20.13
CA CYS D 67 -21.12 15.64 20.94
C CYS D 67 -20.63 16.93 21.60
N LYS D 68 -19.43 16.88 22.16
CA LYS D 68 -18.76 18.07 22.67
C LYS D 68 -18.68 19.16 21.62
N ARG D 69 -18.05 18.84 20.49
CA ARG D 69 -17.99 19.79 19.36
C ARG D 69 -19.36 20.43 19.14
N GLU D 70 -20.40 19.59 19.20
CA GLU D 70 -21.78 20.04 19.07
C GLU D 70 -22.48 20.27 20.41
N GLY D 71 -21.66 20.52 21.43
CA GLY D 71 -22.12 20.98 22.74
C GLY D 71 -23.15 20.13 23.43
N LYS D 72 -22.85 18.85 23.57
CA LYS D 72 -23.75 17.92 24.29
C LYS D 72 -22.98 17.06 25.30
N ASN D 73 -23.31 17.23 26.57
CA ASN D 73 -22.68 16.46 27.64
C ASN D 73 -23.15 15.01 27.67
N THR D 74 -22.59 14.23 26.75
CA THR D 74 -23.00 12.84 26.54
C THR D 74 -21.80 11.89 26.55
N TYR D 75 -22.03 10.74 27.17
CA TYR D 75 -20.97 9.84 27.53
C TYR D 75 -21.21 8.48 26.90
N ALA D 76 -20.15 7.69 26.87
CA ALA D 76 -20.22 6.33 26.37
C ALA D 76 -19.67 5.42 27.45
N TYR D 77 -20.42 4.37 27.78
CA TYR D 77 -20.05 3.47 28.85
C TYR D 77 -19.48 2.15 28.29
N ILE D 78 -18.24 1.86 28.65
CA ILE D 78 -17.48 0.72 28.14
C ILE D 78 -16.86 -0.10 29.28
N GLU D 79 -17.21 -1.37 29.34
CA GLU D 79 -16.73 -2.31 30.33
C GLU D 79 -15.58 -3.05 29.65
N LEU D 80 -14.36 -2.95 30.20
CA LEU D 80 -13.28 -3.81 29.75
C LEU D 80 -13.26 -5.02 30.67
N GLN D 81 -12.66 -6.11 30.22
CA GLN D 81 -12.61 -7.31 31.04
C GLN D 81 -11.51 -8.25 30.56
N LEU D 82 -10.63 -8.66 31.48
CA LEU D 82 -9.55 -9.54 31.14
C LEU D 82 -9.92 -10.95 31.43
N TYR D 83 -9.52 -11.85 30.54
CA TYR D 83 -9.67 -13.29 30.72
C TYR D 83 -8.37 -13.97 30.36
N GLU D 84 -8.00 -14.96 31.16
CA GLU D 84 -6.88 -15.83 30.85
C GLU D 84 -7.42 -16.87 29.86
N VAL D 85 -6.63 -17.21 28.86
CA VAL D 85 -7.03 -18.22 27.86
C VAL D 85 -6.24 -19.49 28.06
N MET D 86 -4.96 -19.31 28.37
CA MET D 86 -4.06 -20.37 28.73
C MET D 86 -2.90 -19.69 29.46
N PRO D 87 -2.04 -20.46 30.16
CA PRO D 87 -0.97 -19.82 30.93
C PRO D 87 -0.17 -18.78 30.12
N GLY D 88 -0.15 -17.55 30.62
CA GLY D 88 0.60 -16.47 29.99
C GLY D 88 -0.12 -15.72 28.88
N CYS D 89 -1.31 -16.16 28.50
CA CYS D 89 -2.03 -15.54 27.37
C CYS D 89 -3.47 -15.17 27.69
N PHE D 90 -3.86 -14.00 27.22
CA PHE D 90 -5.06 -13.32 27.71
C PHE D 90 -5.87 -12.69 26.60
N MET D 91 -7.07 -12.24 26.95
CA MET D 91 -7.91 -11.48 26.05
C MET D 91 -8.44 -10.30 26.80
N LEU D 92 -8.45 -9.15 26.14
CA LEU D 92 -9.13 -8.00 26.69
C LEU D 92 -10.48 -7.80 25.98
N ASP D 93 -11.52 -8.29 26.62
CA ASP D 93 -12.87 -8.14 26.10
C ASP D 93 -13.40 -6.72 26.28
N VAL D 94 -13.72 -6.05 25.17
CA VAL D 94 -14.28 -4.71 25.23
C VAL D 94 -15.76 -4.73 24.84
N LYS D 95 -16.61 -4.10 25.63
CA LYS D 95 -18.07 -4.29 25.60
C LYS D 95 -18.86 -2.98 25.84
N SER D 96 -19.82 -2.65 24.97
CA SER D 96 -20.57 -1.41 25.17
C SER D 96 -21.63 -1.55 26.25
N ASN D 97 -21.75 -0.55 27.14
CA ASN D 97 -22.97 -0.44 27.97
C ASN D 97 -23.84 0.74 27.53
N GLY D 98 -23.47 1.35 26.39
CA GLY D 98 -24.28 2.35 25.71
C GLY D 98 -24.00 3.80 26.02
N TYR D 99 -24.97 4.65 25.73
CA TYR D 99 -24.83 6.10 25.77
C TYR D 99 -25.88 6.75 26.67
N LYS D 100 -25.59 7.97 27.12
CA LYS D 100 -26.52 8.75 27.94
C LYS D 100 -26.25 10.25 27.77
N ASP D 101 -27.32 11.05 27.66
CA ASP D 101 -27.21 12.50 27.70
C ASP D 101 -27.44 13.00 29.13
N ILE D 102 -26.35 13.23 29.85
CA ILE D 102 -26.44 13.76 31.21
C ILE D 102 -27.23 15.07 31.25
N LYS D 118 -28.86 -0.26 20.99
CA LYS D 118 -28.70 0.54 19.79
C LYS D 118 -27.32 0.43 19.10
N SER D 119 -26.82 1.57 18.62
CA SER D 119 -25.82 1.60 17.54
C SER D 119 -24.42 1.18 17.94
N SER D 120 -23.71 0.60 16.99
CA SER D 120 -22.34 0.12 17.16
C SER D 120 -21.32 1.27 17.15
N PHE D 121 -21.77 2.44 16.69
CA PHE D 121 -20.97 3.64 16.72
C PHE D 121 -21.52 4.61 17.77
N PRO D 122 -20.66 5.46 18.36
CA PRO D 122 -19.22 5.66 18.20
C PRO D 122 -18.39 4.68 19.02
N PHE D 123 -19.05 3.67 19.56
CA PHE D 123 -18.35 2.66 20.30
C PHE D 123 -17.18 2.03 19.52
N LEU D 124 -17.39 1.69 18.26
CA LEU D 124 -16.26 1.15 17.48
C LEU D 124 -15.11 2.16 17.30
N ASP D 125 -15.48 3.44 17.13
CA ASP D 125 -14.54 4.53 16.90
C ASP D 125 -13.72 4.78 18.16
N LEU D 126 -14.36 4.56 19.30
CA LEU D 126 -13.68 4.74 20.57
C LEU D 126 -12.78 3.55 20.87
N CYS D 127 -13.27 2.34 20.61
CA CYS D 127 -12.39 1.16 20.63
C CYS D 127 -11.10 1.32 19.81
N ALA D 128 -11.23 1.94 18.65
CA ALA D 128 -10.11 2.18 17.79
C ALA D 128 -9.12 3.20 18.42
N MET D 129 -9.64 4.15 19.20
CA MET D 129 -8.75 4.99 20.00
C MET D 129 -8.01 4.07 20.98
N LEU D 130 -8.77 3.28 21.74
CA LEU D 130 -8.18 2.43 22.76
C LEU D 130 -7.08 1.54 22.20
N VAL D 131 -7.36 0.94 21.05
CA VAL D 131 -6.46 0.02 20.42
C VAL D 131 -5.18 0.74 19.96
N CYS D 132 -5.36 1.94 19.41
CA CYS D 132 -4.21 2.73 18.99
C CYS D 132 -3.36 3.16 20.15
N LYS D 133 -4.01 3.36 21.28
CA LYS D 133 -3.28 3.76 22.47
C LYS D 133 -2.58 2.56 23.10
N LEU D 134 -3.25 1.41 23.17
CA LEU D 134 -2.62 0.19 23.65
C LEU D 134 -1.37 -0.12 22.85
N PHE D 135 -1.43 0.12 21.53
CA PHE D 135 -0.37 -0.26 20.59
C PHE D 135 0.87 0.64 20.51
N SER D 136 0.75 1.87 20.97
CA SER D 136 1.91 2.73 20.92
C SER D 136 2.36 3.11 22.30
N ALA D 137 2.36 2.14 23.21
CA ALA D 137 2.80 2.37 24.58
C ALA D 137 4.32 2.31 24.62
N GLN E 6 -17.06 7.38 41.71
CA GLN E 6 -16.75 6.06 41.11
C GLN E 6 -15.73 6.17 39.94
N TYR E 7 -15.86 7.18 39.09
CA TYR E 7 -14.95 7.34 37.93
C TYR E 7 -13.71 8.14 38.27
N SER E 8 -12.56 7.62 37.88
CA SER E 8 -11.31 8.27 38.25
C SER E 8 -10.48 8.57 37.01
N THR E 9 -9.48 9.42 37.21
CA THR E 9 -8.68 10.03 36.17
C THR E 9 -7.20 9.64 36.26
N GLU E 10 -6.76 9.23 37.44
CA GLU E 10 -5.37 8.84 37.62
C GLU E 10 -5.30 7.35 37.93
N ILE E 11 -4.35 6.70 37.26
CA ILE E 11 -3.98 5.30 37.44
C ILE E 11 -3.96 4.88 38.92
N PRO E 12 -4.49 3.67 39.24
CA PRO E 12 -4.43 3.20 40.63
C PRO E 12 -2.98 3.15 41.11
N ALA E 13 -2.76 3.69 42.31
CA ALA E 13 -1.41 4.01 42.78
C ALA E 13 -0.47 2.82 42.78
N PHE E 14 -0.94 1.70 43.32
CA PHE E 14 -0.10 0.53 43.54
C PHE E 14 0.43 -0.12 42.26
N LEU E 15 -0.34 -0.03 41.18
CA LEU E 15 0.03 -0.58 39.86
C LEU E 15 1.22 0.11 39.21
N THR E 16 1.38 1.39 39.51
CA THR E 16 2.41 2.20 38.88
C THR E 16 3.83 1.68 39.12
N SER E 17 4.26 1.62 40.37
CA SER E 17 5.66 1.34 40.69
C SER E 17 6.28 -0.06 40.70
N ASN E 18 5.87 -0.87 41.69
CA ASN E 18 6.20 -2.30 41.76
C ASN E 18 5.29 -2.82 42.87
N THR E 19 4.33 -3.67 42.52
CA THR E 19 4.26 -4.26 41.19
C THR E 19 5.47 -5.15 40.92
N LEU E 20 5.25 -6.46 40.94
CA LEU E 20 6.10 -7.40 40.21
C LEU E 20 6.13 -8.76 40.89
N GLN E 21 5.17 -9.00 41.78
CA GLN E 21 5.21 -10.16 42.67
C GLN E 21 5.28 -9.72 44.13
N GLU E 22 4.49 -8.72 44.48
CA GLU E 22 4.60 -8.08 45.79
C GLU E 22 3.37 -8.40 46.62
N LEU E 23 2.18 -8.22 46.03
CA LEU E 23 0.95 -8.67 46.69
C LEU E 23 0.34 -9.89 45.99
N LYS E 24 1.19 -10.85 45.64
CA LYS E 24 0.78 -12.18 45.11
C LYS E 24 -0.63 -12.17 44.49
N LEU E 25 -0.83 -11.21 43.58
CA LEU E 25 -2.18 -10.73 43.18
C LEU E 25 -3.21 -11.76 42.70
N PRO E 26 -4.51 -11.40 42.81
CA PRO E 26 -5.60 -12.19 42.21
C PRO E 26 -5.41 -12.31 40.71
N LYS E 27 -5.53 -13.52 40.20
CA LYS E 27 -5.50 -13.80 38.76
C LYS E 27 -6.89 -13.53 38.16
N PRO E 28 -6.95 -13.17 36.86
CA PRO E 28 -8.24 -12.93 36.20
C PRO E 28 -9.04 -14.22 35.97
N PRO E 29 -10.37 -14.09 35.70
CA PRO E 29 -11.19 -15.25 35.41
C PRO E 29 -10.76 -15.91 34.12
N SER E 30 -11.10 -17.17 33.95
CA SER E 30 -10.78 -17.91 32.73
C SER E 30 -11.67 -17.47 31.57
N LEU E 31 -11.20 -17.69 30.35
CA LEU E 31 -12.01 -17.46 29.16
C LEU E 31 -13.22 -18.40 29.14
N PRO E 32 -14.40 -17.82 28.96
CA PRO E 32 -15.64 -18.61 28.89
C PRO E 32 -15.95 -19.06 27.48
N PRO E 33 -16.63 -20.21 27.34
CA PRO E 33 -16.73 -20.89 26.06
C PRO E 33 -17.39 -20.02 25.01
N HIS E 34 -18.45 -19.31 25.37
CA HIS E 34 -19.15 -18.51 24.37
C HIS E 34 -18.25 -17.45 23.74
N LEU E 35 -17.18 -17.05 24.43
CA LEU E 35 -16.26 -16.10 23.81
C LEU E 35 -15.21 -16.68 22.85
N GLU E 36 -15.38 -17.93 22.43
CA GLU E 36 -14.36 -18.58 21.61
C GLU E 36 -14.64 -18.52 20.11
N LYS E 37 -15.79 -19.04 19.67
CA LYS E 37 -16.24 -18.90 18.28
C LYS E 37 -16.77 -17.49 18.07
N CYS E 38 -16.79 -17.07 16.82
CA CYS E 38 -17.09 -15.70 16.45
C CYS E 38 -17.94 -15.71 15.17
N ILE E 39 -19.13 -15.12 15.28
CA ILE E 39 -20.13 -15.08 14.20
C ILE E 39 -19.55 -14.74 12.83
N LEU E 40 -18.65 -13.77 12.78
CA LEU E 40 -17.99 -13.35 11.54
C LEU E 40 -17.13 -14.39 10.84
N ASN E 41 -16.71 -15.43 11.52
CA ASN E 41 -16.00 -16.52 10.88
C ASN E 41 -16.97 -17.57 10.40
N SER E 42 -17.68 -17.26 9.31
CA SER E 42 -18.71 -18.14 8.76
C SER E 42 -19.25 -17.54 7.48
N ASN E 43 -19.22 -18.35 6.42
CA ASN E 43 -19.85 -17.98 5.17
C ASN E 43 -20.78 -19.12 4.76
N THR E 44 -21.97 -19.12 5.36
CA THR E 44 -22.96 -20.19 5.22
C THR E 44 -23.89 -19.97 4.03
N ALA E 45 -23.71 -18.86 3.33
CA ALA E 45 -24.62 -18.44 2.31
C ALA E 45 -23.84 -17.81 1.18
N TYR E 46 -22.52 -18.02 1.20
CA TYR E 46 -21.59 -17.36 0.28
C TYR E 46 -22.13 -17.30 -1.15
N LYS E 47 -22.85 -18.35 -1.54
CA LYS E 47 -23.34 -18.54 -2.90
C LYS E 47 -24.70 -17.89 -3.15
N GLU E 48 -25.40 -17.49 -2.10
CA GLU E 48 -26.74 -16.88 -2.25
C GLU E 48 -26.74 -15.46 -1.68
N ASP E 49 -26.17 -15.31 -0.48
CA ASP E 49 -26.00 -14.00 0.10
C ASP E 49 -24.86 -13.98 1.12
N GLN E 50 -23.68 -13.59 0.66
CA GLN E 50 -22.46 -13.46 1.49
C GLN E 50 -22.68 -12.73 2.79
N SER E 51 -23.74 -11.93 2.86
CA SER E 51 -23.88 -11.08 4.03
C SER E 51 -24.52 -11.84 5.16
N VAL E 52 -25.23 -12.90 4.79
CA VAL E 52 -26.02 -13.68 5.74
C VAL E 52 -25.20 -14.46 6.79
N LEU E 53 -25.31 -14.00 8.05
CA LEU E 53 -24.69 -14.61 9.22
C LEU E 53 -25.64 -15.49 10.07
N PRO E 54 -25.08 -16.42 10.88
CA PRO E 54 -25.95 -17.11 11.85
C PRO E 54 -26.49 -16.08 12.83
N ASN E 55 -27.47 -16.46 13.64
CA ASN E 55 -27.83 -15.58 14.73
C ASN E 55 -26.72 -15.49 15.76
N PRO E 56 -26.43 -14.26 16.23
CA PRO E 56 -25.39 -14.07 17.22
C PRO E 56 -25.93 -14.53 18.54
N ASN E 57 -25.11 -14.51 19.57
CA ASN E 57 -25.62 -14.93 20.86
C ASN E 57 -25.92 -13.72 21.72
N HIS E 58 -27.12 -13.73 22.31
CA HIS E 58 -27.62 -12.62 23.12
C HIS E 58 -26.54 -11.94 23.98
N VAL E 59 -25.80 -12.71 24.78
CA VAL E 59 -24.83 -12.09 25.71
C VAL E 59 -23.53 -11.66 25.03
N LEU E 60 -23.53 -11.60 23.70
CA LEU E 60 -22.36 -11.16 22.96
C LEU E 60 -22.66 -9.94 22.09
N LEU E 61 -23.82 -9.33 22.32
CA LEU E 61 -24.12 -8.09 21.64
C LEU E 61 -23.18 -6.96 22.08
N ASN E 62 -22.69 -6.21 21.10
CA ASN E 62 -21.77 -5.08 21.30
C ASN E 62 -20.45 -5.33 22.06
N HIS E 63 -19.87 -6.51 21.91
CA HIS E 63 -18.50 -6.80 22.33
C HIS E 63 -17.57 -6.51 21.13
N LEU E 64 -16.36 -6.11 21.40
CA LEU E 64 -15.42 -5.87 20.33
C LEU E 64 -14.91 -7.19 19.84
N ALA E 65 -14.84 -7.30 18.52
CA ALA E 65 -14.12 -8.37 17.83
C ALA E 65 -13.07 -7.72 16.92
N ALA E 66 -11.97 -8.41 16.66
CA ALA E 66 -10.83 -7.82 15.92
C ALA E 66 -10.21 -8.81 14.97
N ALA E 67 -9.58 -8.31 13.92
CA ALA E 67 -8.93 -9.18 12.97
C ALA E 67 -7.70 -8.50 12.45
N ASN E 68 -6.69 -9.35 12.29
CA ASN E 68 -5.46 -9.01 11.60
C ASN E 68 -5.62 -8.71 10.12
N THR E 69 -4.96 -7.67 9.66
CA THR E 69 -5.00 -7.42 8.26
C THR E 69 -3.56 -7.38 7.87
N GLN E 70 -3.28 -7.47 6.58
CA GLN E 70 -1.95 -7.20 6.13
C GLN E 70 -2.07 -6.11 5.10
N LEU E 71 -2.84 -5.10 5.45
CA LEU E 71 -3.06 -3.96 4.59
C LEU E 71 -2.84 -2.66 5.32
N GLY E 72 -2.21 -2.76 6.48
CA GLY E 72 -1.84 -1.59 7.23
C GLY E 72 -2.99 -0.90 7.92
N VAL E 73 -4.13 -1.58 8.06
CA VAL E 73 -5.31 -0.98 8.68
C VAL E 73 -5.85 -1.79 9.87
N LEU E 74 -6.69 -1.15 10.69
CA LEU E 74 -7.46 -1.82 11.73
C LEU E 74 -8.77 -2.36 11.20
N ALA E 75 -9.03 -3.63 11.52
CA ALA E 75 -10.30 -4.32 11.24
C ALA E 75 -11.02 -4.62 12.57
N LEU E 76 -12.21 -4.07 12.74
CA LEU E 76 -12.91 -4.13 14.02
C LEU E 76 -14.40 -4.28 13.78
N SER E 77 -15.09 -4.81 14.78
CA SER E 77 -16.40 -5.29 14.56
C SER E 77 -17.23 -5.46 15.80
N ALA E 78 -18.53 -5.34 15.64
CA ALA E 78 -19.44 -5.50 16.75
C ALA E 78 -20.83 -5.82 16.21
N THR E 79 -21.56 -6.59 16.98
CA THR E 79 -22.85 -7.02 16.51
C THR E 79 -23.90 -6.31 17.34
N THR E 80 -24.92 -5.76 16.68
CA THR E 80 -25.96 -5.07 17.41
C THR E 80 -27.31 -5.39 16.82
N ARG E 81 -28.34 -5.29 17.66
CA ARG E 81 -29.69 -5.56 17.26
C ARG E 81 -30.27 -4.25 16.82
N TYR E 82 -30.44 -4.06 15.52
CA TYR E 82 -31.31 -2.99 14.99
C TYR E 82 -32.72 -3.54 14.89
N HIS E 83 -33.65 -2.88 15.57
CA HIS E 83 -35.02 -3.39 15.71
C HIS E 83 -35.01 -4.85 16.13
N ARG E 84 -35.51 -5.73 15.27
CA ARG E 84 -35.54 -7.16 15.57
C ARG E 84 -34.59 -8.02 14.78
N LYS E 85 -33.64 -7.36 14.10
CA LYS E 85 -32.65 -8.01 13.27
C LYS E 85 -31.21 -7.62 13.65
N TYR E 86 -30.24 -8.42 13.22
CA TYR E 86 -28.86 -8.20 13.64
C TYR E 86 -27.94 -7.68 12.56
N VAL E 87 -27.22 -6.63 12.92
CA VAL E 87 -26.26 -6.03 12.01
C VAL E 87 -24.91 -6.21 12.61
N THR E 88 -24.07 -7.01 11.98
CA THR E 88 -22.69 -7.07 12.42
C THR E 88 -21.90 -6.17 11.54
N THR E 89 -21.63 -4.95 11.99
CA THR E 89 -20.78 -4.08 11.17
C THR E 89 -19.29 -4.30 11.37
N ALA E 90 -18.58 -4.57 10.27
CA ALA E 90 -17.12 -4.64 10.25
C ALA E 90 -16.64 -3.33 9.68
N MET E 91 -15.84 -2.62 10.47
CA MET E 91 -15.24 -1.38 9.97
C MET E 91 -13.75 -1.57 9.70
N PHE E 92 -13.27 -0.88 8.65
CA PHE E 92 -11.88 -0.87 8.25
C PHE E 92 -11.30 0.53 8.33
N LYS E 93 -10.37 0.69 9.26
CA LYS E 93 -10.07 2.01 9.75
C LYS E 93 -8.55 2.19 9.76
N ASN E 94 -8.12 3.43 9.58
CA ASN E 94 -6.71 3.78 9.68
C ASN E 94 -6.22 3.80 11.11
N PHE E 95 -4.90 3.77 11.25
CA PHE E 95 -4.26 3.93 12.56
C PHE E 95 -3.83 5.38 12.75
N ASP E 96 -3.00 5.58 13.76
CA ASP E 96 -2.60 6.89 14.33
C ASP E 96 -3.56 7.25 15.49
N ASP F 3 -56.94 -9.71 -20.70
CA ASP F 3 -57.35 -10.83 -19.86
C ASP F 3 -56.32 -11.95 -19.89
N VAL F 4 -55.32 -11.64 -20.71
CA VAL F 4 -53.92 -11.79 -20.30
C VAL F 4 -53.24 -10.43 -20.17
N GLN F 5 -53.69 -9.46 -20.97
CA GLN F 5 -53.28 -8.09 -20.80
C GLN F 5 -54.05 -7.53 -19.60
N GLU F 6 -55.22 -8.10 -19.30
CA GLU F 6 -55.97 -7.71 -18.10
C GLU F 6 -55.36 -8.27 -16.80
N THR F 7 -55.00 -9.55 -16.78
CA THR F 7 -54.42 -10.18 -15.57
C THR F 7 -53.11 -9.55 -15.13
N GLN F 8 -52.31 -9.09 -16.09
CA GLN F 8 -51.01 -8.50 -15.76
C GLN F 8 -51.23 -7.21 -14.95
N LYS F 9 -52.11 -6.35 -15.43
CA LYS F 9 -52.42 -5.08 -14.75
C LYS F 9 -52.80 -5.27 -13.29
N GLY F 10 -53.73 -6.20 -13.04
CA GLY F 10 -54.23 -6.49 -11.70
C GLY F 10 -53.21 -7.11 -10.77
N ALA F 11 -52.15 -7.66 -11.36
CA ALA F 11 -51.09 -8.28 -10.61
C ALA F 11 -50.03 -7.23 -10.28
N LEU F 12 -49.86 -6.29 -11.20
CA LEU F 12 -48.96 -5.18 -10.96
C LEU F 12 -49.42 -4.41 -9.72
N LYS F 13 -50.72 -4.18 -9.62
CA LYS F 13 -51.28 -3.47 -8.47
C LYS F 13 -51.15 -4.20 -7.12
N GLU F 14 -51.31 -5.52 -7.09
CA GLU F 14 -50.94 -6.30 -5.90
C GLU F 14 -49.48 -6.04 -5.52
N ILE F 15 -48.60 -6.18 -6.51
CA ILE F 15 -47.16 -6.05 -6.31
C ILE F 15 -46.85 -4.62 -5.86
N GLN F 16 -47.43 -3.65 -6.55
CA GLN F 16 -47.39 -2.26 -6.09
C GLN F 16 -47.86 -2.14 -4.64
N ALA F 17 -49.02 -2.69 -4.29
CA ALA F 17 -49.50 -2.63 -2.90
C ALA F 17 -48.52 -3.33 -1.95
N PHE F 18 -47.98 -4.46 -2.40
CA PHE F 18 -47.14 -5.28 -1.55
C PHE F 18 -45.91 -4.52 -1.16
N ILE F 19 -45.27 -3.93 -2.14
CA ILE F 19 -44.05 -3.23 -1.86
C ILE F 19 -44.36 -2.01 -0.99
N ARG F 20 -45.53 -1.41 -1.19
CA ARG F 20 -45.96 -0.24 -0.44
C ARG F 20 -46.14 -0.60 1.04
N SER F 21 -46.59 -1.83 1.31
CA SER F 21 -46.85 -2.31 2.67
C SER F 21 -45.61 -2.84 3.39
N ARG F 22 -44.48 -2.81 2.70
CA ARG F 22 -43.27 -3.32 3.27
C ARG F 22 -42.30 -2.17 3.50
N THR F 23 -41.52 -2.27 4.59
CA THR F 23 -40.51 -1.30 4.92
C THR F 23 -39.26 -1.72 4.20
N SER F 24 -38.28 -0.83 4.07
CA SER F 24 -36.97 -1.22 3.55
C SER F 24 -36.35 -2.27 4.45
N TYR F 25 -36.47 -2.04 5.76
CA TYR F 25 -36.15 -3.01 6.81
C TYR F 25 -36.51 -4.45 6.42
N ASP F 26 -37.72 -4.63 5.88
CA ASP F 26 -38.22 -5.97 5.61
C ASP F 26 -37.42 -6.78 4.62
N VAL F 27 -36.49 -6.14 3.92
CA VAL F 27 -35.76 -6.80 2.85
C VAL F 27 -34.50 -7.45 3.40
N LEU F 28 -34.10 -7.00 4.58
CA LEU F 28 -32.85 -7.42 5.20
C LEU F 28 -32.98 -8.81 5.77
N PRO F 29 -31.88 -9.58 5.72
CA PRO F 29 -31.80 -10.87 6.39
C PRO F 29 -31.91 -10.62 7.87
N THR F 30 -32.32 -11.61 8.63
CA THR F 30 -32.52 -11.38 10.04
C THR F 30 -31.19 -11.15 10.74
N SER F 31 -30.13 -11.60 10.10
CA SER F 31 -28.78 -11.43 10.65
C SER F 31 -27.73 -11.36 9.54
N PHE F 32 -26.97 -10.28 9.50
CA PHE F 32 -26.01 -10.10 8.42
C PHE F 32 -24.83 -9.25 8.83
N ARG F 33 -23.86 -9.12 7.94
CA ARG F 33 -22.67 -8.30 8.16
C ARG F 33 -22.74 -7.05 7.28
N LEU F 34 -22.06 -5.96 7.68
CA LEU F 34 -21.96 -4.75 6.85
C LEU F 34 -20.56 -4.13 6.86
N ILE F 35 -19.90 -4.21 5.71
CA ILE F 35 -18.54 -3.72 5.59
C ILE F 35 -18.56 -2.23 5.34
N VAL F 36 -17.87 -1.49 6.20
CA VAL F 36 -17.82 -0.04 6.14
C VAL F 36 -16.37 0.39 5.97
N PHE F 37 -16.09 1.48 5.26
CA PHE F 37 -14.71 2.01 5.19
C PHE F 37 -14.52 3.41 5.79
N ASP F 38 -13.49 3.61 6.60
CA ASP F 38 -13.09 4.96 6.98
C ASP F 38 -12.88 5.76 5.67
N VAL F 39 -13.45 6.96 5.60
CA VAL F 39 -13.18 7.84 4.47
C VAL F 39 -11.70 8.15 4.26
N THR F 40 -10.88 8.00 5.29
CA THR F 40 -9.50 8.40 5.13
C THR F 40 -8.63 7.28 4.62
N LEU F 41 -9.20 6.13 4.32
CA LEU F 41 -8.44 5.05 3.69
C LEU F 41 -7.89 5.49 2.34
N PHE F 42 -6.67 5.05 2.03
CA PHE F 42 -6.10 5.22 0.69
C PHE F 42 -6.93 4.44 -0.29
N VAL F 43 -6.90 4.86 -1.55
CA VAL F 43 -7.61 4.15 -2.60
C VAL F 43 -7.05 2.72 -2.77
N LYS F 44 -5.73 2.60 -2.86
CA LYS F 44 -5.14 1.28 -3.08
C LYS F 44 -5.60 0.30 -2.01
N THR F 45 -5.65 0.76 -0.77
CA THR F 45 -6.06 -0.05 0.37
C THR F 45 -7.49 -0.50 0.15
N SER F 46 -8.34 0.40 -0.27
CA SER F 46 -9.75 0.09 -0.32
C SER F 46 -10.11 -0.86 -1.46
N LEU F 47 -9.32 -0.87 -2.52
CA LEU F 47 -9.55 -1.83 -3.61
C LEU F 47 -9.20 -3.22 -3.14
N SER F 48 -8.08 -3.33 -2.44
CA SER F 48 -7.71 -4.60 -1.87
C SER F 48 -8.77 -5.11 -0.92
N LEU F 49 -9.27 -4.25 -0.04
CA LEU F 49 -10.29 -4.70 0.89
C LEU F 49 -11.55 -5.09 0.16
N LEU F 50 -11.81 -4.46 -0.98
CA LEU F 50 -12.99 -4.79 -1.75
C LEU F 50 -12.86 -6.18 -2.30
N THR F 51 -11.72 -6.47 -2.94
CA THR F 51 -11.54 -7.75 -3.61
C THR F 51 -11.45 -8.91 -2.60
N LEU F 52 -10.51 -8.83 -1.66
CA LEU F 52 -10.44 -9.75 -0.52
C LEU F 52 -11.79 -10.11 0.10
N ASN F 53 -12.67 -9.14 0.27
CA ASN F 53 -13.98 -9.41 0.85
C ASN F 53 -15.08 -9.72 -0.16
N ASN F 54 -14.65 -10.01 -1.38
CA ASN F 54 -15.52 -10.42 -2.47
C ASN F 54 -16.69 -9.48 -2.71
N ILE F 55 -16.43 -8.18 -2.63
CA ILE F 55 -17.50 -7.19 -2.73
C ILE F 55 -17.10 -6.05 -3.67
N VAL F 56 -18.09 -5.32 -4.18
CA VAL F 56 -17.89 -4.23 -5.17
C VAL F 56 -18.29 -2.84 -4.63
N SER F 57 -18.53 -2.77 -3.33
CA SER F 57 -19.15 -1.58 -2.76
C SER F 57 -19.04 -1.50 -1.24
N ALA F 58 -18.83 -0.30 -0.72
CA ALA F 58 -18.83 -0.11 0.73
C ALA F 58 -19.33 1.25 1.09
N PRO F 59 -20.18 1.32 2.10
CA PRO F 59 -20.47 2.59 2.73
C PRO F 59 -19.21 3.17 3.36
N LEU F 60 -19.01 4.46 3.12
CA LEU F 60 -17.94 5.20 3.77
C LEU F 60 -18.38 5.83 5.09
N TRP F 61 -17.47 5.87 6.06
CA TRP F 61 -17.74 6.39 7.38
C TRP F 61 -16.82 7.52 7.71
N ASP F 62 -17.33 8.50 8.44
CA ASP F 62 -16.52 9.63 8.87
C ASP F 62 -16.48 9.68 10.38
N SER F 63 -15.37 9.24 10.95
CA SER F 63 -15.26 9.12 12.39
C SER F 63 -15.49 10.46 13.05
N GLU F 64 -14.80 11.48 12.56
CA GLU F 64 -14.82 12.82 13.14
C GLU F 64 -16.29 13.20 13.45
N ALA F 65 -17.01 13.50 12.37
CA ALA F 65 -18.39 13.92 12.44
C ALA F 65 -19.35 12.82 12.92
N ASN F 66 -18.95 11.55 12.70
CA ASN F 66 -19.71 10.36 13.08
C ASN F 66 -21.04 10.24 12.33
N LYS F 67 -20.92 9.90 11.06
CA LYS F 67 -21.83 10.42 10.08
C LYS F 67 -21.50 9.77 8.78
N PHE F 68 -22.53 9.33 8.09
CA PHE F 68 -22.39 8.74 6.77
C PHE F 68 -21.68 9.66 5.78
N ALA F 69 -20.75 9.12 5.01
CA ALA F 69 -19.99 9.97 4.10
C ALA F 69 -19.98 9.47 2.65
N GLY F 70 -20.94 8.63 2.32
CA GLY F 70 -21.13 8.30 0.93
C GLY F 70 -20.92 6.86 0.61
N LEU F 71 -20.99 6.56 -0.68
CA LEU F 71 -20.90 5.20 -1.13
C LEU F 71 -19.72 5.03 -2.05
N LEU F 72 -18.92 4.01 -1.79
CA LEU F 72 -17.90 3.67 -2.75
C LEU F 72 -18.49 2.61 -3.64
N THR F 73 -18.50 2.85 -4.95
CA THR F 73 -18.93 1.87 -5.96
C THR F 73 -17.91 2.01 -7.06
N MET F 74 -18.03 1.19 -8.11
CA MET F 74 -17.07 1.27 -9.21
C MET F 74 -17.32 2.51 -10.08
N ALA F 75 -18.56 3.01 -10.04
CA ALA F 75 -18.92 4.27 -10.70
C ALA F 75 -17.87 5.34 -10.39
N ASP F 76 -17.56 5.50 -9.11
CA ASP F 76 -16.50 6.38 -8.68
C ASP F 76 -15.25 6.21 -9.52
N PHE F 77 -14.80 4.99 -9.70
CA PHE F 77 -13.60 4.76 -10.50
C PHE F 77 -13.86 4.96 -11.96
N VAL F 78 -14.92 4.36 -12.48
CA VAL F 78 -15.23 4.50 -13.89
C VAL F 78 -15.17 5.97 -14.28
N ASN F 79 -15.76 6.83 -13.47
CA ASN F 79 -15.90 8.24 -13.81
C ASN F 79 -14.57 8.99 -13.86
N VAL F 80 -13.77 8.83 -12.81
CA VAL F 80 -12.47 9.45 -12.78
C VAL F 80 -11.57 8.93 -13.93
N ILE F 81 -11.69 7.65 -14.28
CA ILE F 81 -10.92 7.11 -15.39
C ILE F 81 -11.37 7.74 -16.70
N LYS F 82 -12.66 7.76 -16.94
CA LYS F 82 -13.15 8.38 -18.14
C LYS F 82 -12.63 9.82 -18.21
N TYR F 83 -12.63 10.48 -17.07
CA TYR F 83 -12.25 11.90 -16.97
C TYR F 83 -10.77 12.17 -17.30
N TYR F 84 -9.87 11.48 -16.61
CA TYR F 84 -8.47 11.48 -17.03
C TYR F 84 -8.27 11.20 -18.52
N TYR F 85 -9.02 10.26 -19.10
CA TYR F 85 -8.79 9.88 -20.50
C TYR F 85 -9.17 10.96 -21.45
N GLN F 86 -10.30 11.59 -21.16
CA GLN F 86 -10.83 12.60 -22.03
C GLN F 86 -10.05 13.89 -21.87
N SER F 87 -9.43 14.05 -20.69
CA SER F 87 -8.91 15.37 -20.33
C SER F 87 -7.41 15.49 -20.20
N SER F 88 -6.69 14.39 -20.10
CA SER F 88 -5.24 14.49 -19.91
C SER F 88 -4.47 14.19 -21.18
N SER F 89 -3.31 14.82 -21.34
CA SER F 89 -2.41 14.49 -22.46
C SER F 89 -1.27 13.59 -21.96
N PHE F 90 -1.46 13.01 -20.79
CA PHE F 90 -0.45 12.15 -20.21
C PHE F 90 -1.03 10.84 -19.73
N PRO F 91 -0.88 9.78 -20.55
CA PRO F 91 -1.29 8.39 -20.23
C PRO F 91 -1.08 7.96 -18.77
N GLU F 92 0.06 8.28 -18.17
CA GLU F 92 0.38 7.79 -16.84
C GLU F 92 -0.25 8.63 -15.74
N ALA F 93 -0.94 9.70 -16.10
CA ALA F 93 -1.49 10.60 -15.09
C ALA F 93 -2.49 9.86 -14.22
N ILE F 94 -3.22 8.95 -14.85
CA ILE F 94 -4.20 8.10 -14.17
C ILE F 94 -3.58 7.35 -12.96
N ALA F 95 -2.30 7.00 -13.09
CA ALA F 95 -1.61 6.30 -12.02
C ALA F 95 -1.61 7.12 -10.75
N GLU F 96 -1.71 8.45 -10.85
CA GLU F 96 -1.63 9.28 -9.65
C GLU F 96 -2.79 9.02 -8.70
N ILE F 97 -3.85 8.42 -9.23
CA ILE F 97 -5.02 8.03 -8.43
C ILE F 97 -4.67 7.25 -7.15
N ASP F 98 -3.64 6.40 -7.24
CA ASP F 98 -3.14 5.66 -6.07
C ASP F 98 -2.46 6.51 -4.98
N LYS F 99 -2.32 7.82 -5.19
CA LYS F 99 -1.90 8.69 -4.10
C LYS F 99 -3.07 9.06 -3.18
N PHE F 100 -4.30 8.91 -3.67
CA PHE F 100 -5.48 9.49 -3.02
C PHE F 100 -6.07 8.68 -1.89
N ARG F 101 -6.55 9.38 -0.89
CA ARG F 101 -7.43 8.79 0.08
C ARG F 101 -8.83 8.85 -0.48
N LEU F 102 -9.76 8.06 0.06
CA LEU F 102 -11.12 8.05 -0.46
C LEU F 102 -11.73 9.44 -0.39
N LEU F 103 -11.42 10.18 0.68
CA LEU F 103 -11.79 11.59 0.78
C LEU F 103 -11.38 12.35 -0.48
N GLY F 104 -10.10 12.24 -0.85
CA GLY F 104 -9.52 12.88 -2.03
C GLY F 104 -10.19 12.52 -3.34
N LEU F 105 -10.49 11.24 -3.53
CA LEU F 105 -11.17 10.77 -4.73
C LEU F 105 -12.61 11.30 -4.82
N ARG F 106 -13.26 11.46 -3.66
CA ARG F 106 -14.57 12.10 -3.64
C ARG F 106 -14.57 13.61 -3.95
N GLU F 107 -13.61 14.35 -3.41
CA GLU F 107 -13.54 15.79 -3.63
C GLU F 107 -13.27 16.03 -5.12
N VAL F 108 -12.46 15.15 -5.69
CA VAL F 108 -12.14 15.17 -7.11
C VAL F 108 -13.38 14.86 -7.94
N GLU F 109 -14.19 13.89 -7.50
CA GLU F 109 -15.42 13.56 -8.25
C GLU F 109 -16.43 14.67 -8.23
N ARG F 110 -16.50 15.41 -7.14
CA ARG F 110 -17.40 16.54 -7.03
C ARG F 110 -16.95 17.68 -7.94
N LYS F 111 -15.63 17.89 -8.03
CA LYS F 111 -15.00 18.85 -8.95
C LYS F 111 -15.46 18.69 -10.39
N ILE F 112 -15.38 17.47 -10.89
CA ILE F 112 -15.70 17.19 -12.29
C ILE F 112 -17.22 17.04 -12.55
N GLY F 113 -18.02 17.05 -11.48
CA GLY F 113 -19.47 17.04 -11.56
C GLY F 113 -20.05 15.64 -11.60
N ALA F 114 -19.46 14.73 -10.84
CA ALA F 114 -19.79 13.32 -10.93
C ALA F 114 -20.64 12.84 -9.75
N ILE F 115 -20.38 13.41 -8.58
CA ILE F 115 -21.14 13.04 -7.40
C ILE F 115 -22.07 14.21 -7.09
N PRO F 116 -23.39 13.95 -7.05
CA PRO F 116 -24.37 15.01 -6.83
C PRO F 116 -24.13 15.66 -5.48
N PRO F 117 -24.51 16.95 -5.34
CA PRO F 117 -24.39 17.55 -4.02
C PRO F 117 -25.26 16.74 -3.05
N GLU F 118 -26.51 16.46 -3.44
CA GLU F 118 -27.40 15.60 -2.65
C GLU F 118 -26.80 14.20 -2.45
N THR F 119 -26.95 13.66 -1.23
CA THR F 119 -26.55 12.28 -0.89
C THR F 119 -27.82 11.46 -0.70
N ILE F 120 -28.08 10.50 -1.60
CA ILE F 120 -29.37 9.79 -1.51
C ILE F 120 -29.36 8.56 -0.63
N TYR F 121 -30.36 8.51 0.23
CA TYR F 121 -30.43 7.55 1.31
C TYR F 121 -31.86 7.61 1.84
N VAL F 122 -32.37 6.46 2.29
CA VAL F 122 -33.71 6.41 2.87
C VAL F 122 -33.62 5.85 4.28
N HIS F 123 -34.64 6.09 5.09
CA HIS F 123 -34.71 5.58 6.44
C HIS F 123 -35.20 4.14 6.31
N PRO F 124 -34.61 3.20 7.08
CA PRO F 124 -34.95 1.78 6.97
C PRO F 124 -36.38 1.45 7.27
N MET F 125 -37.08 2.26 8.04
CA MET F 125 -38.48 1.95 8.47
C MET F 125 -39.52 2.69 7.66
N HIS F 126 -39.05 3.58 6.80
CA HIS F 126 -39.89 4.16 5.77
C HIS F 126 -40.21 3.09 4.73
N SER F 127 -41.26 3.35 3.95
CA SER F 127 -41.74 2.37 3.00
C SER F 127 -40.68 2.02 1.94
N LEU F 128 -40.76 0.77 1.48
CA LEU F 128 -39.96 0.25 0.39
C LEU F 128 -40.19 1.04 -0.87
N MET F 129 -41.42 1.54 -1.04
CA MET F 129 -41.73 2.34 -2.21
C MET F 129 -40.87 3.59 -2.25
N ASP F 130 -40.85 4.30 -1.12
CA ASP F 130 -40.04 5.51 -0.99
C ASP F 130 -38.59 5.29 -1.44
N ALA F 131 -38.06 4.08 -1.25
CA ALA F 131 -36.68 3.74 -1.68
C ALA F 131 -36.56 3.51 -3.17
N CYS F 132 -37.54 2.85 -3.77
CA CYS F 132 -37.51 2.55 -5.19
C CYS F 132 -37.66 3.84 -5.99
N LEU F 133 -38.48 4.75 -5.47
CA LEU F 133 -38.61 6.08 -6.05
C LEU F 133 -37.39 6.97 -5.87
N ALA F 134 -36.55 6.67 -4.88
CA ALA F 134 -35.31 7.38 -4.72
C ALA F 134 -34.37 6.90 -5.80
N MET F 135 -34.26 5.58 -5.89
CA MET F 135 -33.33 4.92 -6.78
C MET F 135 -33.67 5.26 -8.23
N SER F 136 -34.96 5.33 -8.54
CA SER F 136 -35.42 5.60 -9.89
C SER F 136 -35.09 7.03 -10.34
N LYS F 137 -35.33 8.01 -9.47
CA LYS F 137 -35.08 9.44 -9.77
C LYS F 137 -33.59 9.78 -9.74
N SER F 138 -32.86 9.17 -8.81
CA SER F 138 -31.44 9.41 -8.67
C SER F 138 -30.65 8.60 -9.69
N ARG F 139 -31.31 7.64 -10.31
CA ARG F 139 -30.67 6.69 -11.21
C ARG F 139 -29.58 5.83 -10.51
N ALA F 140 -29.52 5.91 -9.19
CA ALA F 140 -28.61 5.07 -8.44
C ALA F 140 -29.08 3.60 -8.50
N ARG F 141 -28.14 2.66 -8.49
CA ARG F 141 -28.48 1.25 -8.59
C ARG F 141 -28.41 0.55 -7.25
N ARG F 142 -27.97 1.29 -6.24
CA ARG F 142 -28.08 0.83 -4.89
C ARG F 142 -28.21 2.01 -3.97
N ILE F 143 -28.82 1.78 -2.81
CA ILE F 143 -29.11 2.86 -1.92
C ILE F 143 -28.82 2.47 -0.46
N PRO F 144 -28.07 3.33 0.26
CA PRO F 144 -27.80 3.13 1.68
C PRO F 144 -29.06 3.34 2.53
N LEU F 145 -29.16 2.54 3.60
CA LEU F 145 -30.23 2.62 4.60
C LEU F 145 -29.57 3.17 5.84
N ILE F 146 -30.07 4.30 6.32
CA ILE F 146 -29.40 5.05 7.35
C ILE F 146 -30.44 5.53 8.31
N ASP F 147 -30.21 5.29 9.59
CA ASP F 147 -31.05 5.77 10.66
C ASP F 147 -30.27 6.78 11.51
N VAL F 148 -30.88 7.32 12.54
CA VAL F 148 -30.19 8.31 13.36
C VAL F 148 -30.48 8.06 14.84
N ASP F 149 -29.42 7.97 15.64
CA ASP F 149 -29.55 7.72 17.09
C ASP F 149 -29.57 9.03 17.86
N GLY F 150 -30.74 9.40 18.34
CA GLY F 150 -30.99 10.72 18.92
C GLY F 150 -30.24 11.07 20.18
N GLU F 151 -29.59 10.09 20.82
CA GLU F 151 -28.77 10.39 22.00
C GLU F 151 -27.46 11.03 21.57
N THR F 152 -26.70 10.29 20.78
CA THR F 152 -25.40 10.71 20.29
C THR F 152 -25.52 11.64 19.10
N GLY F 153 -26.58 11.45 18.33
CA GLY F 153 -26.78 12.18 17.08
C GLY F 153 -25.95 11.59 15.96
N SER F 154 -25.50 10.36 16.13
CA SER F 154 -24.71 9.71 15.09
C SER F 154 -25.64 8.91 14.17
N GLU F 155 -25.33 8.97 12.88
CA GLU F 155 -26.04 8.19 11.88
C GLU F 155 -25.67 6.73 12.05
N MET F 156 -26.66 5.87 11.86
CA MET F 156 -26.46 4.43 11.94
C MET F 156 -26.68 3.85 10.54
N ILE F 157 -25.65 3.24 9.99
CA ILE F 157 -25.80 2.60 8.69
C ILE F 157 -26.31 1.19 8.94
N VAL F 158 -27.47 0.87 8.39
CA VAL F 158 -28.06 -0.43 8.64
C VAL F 158 -27.69 -1.37 7.52
N SER F 159 -27.68 -0.85 6.31
CA SER F 159 -27.36 -1.66 5.16
C SER F 159 -27.41 -0.83 3.90
N VAL F 160 -27.32 -1.54 2.78
CA VAL F 160 -27.32 -0.97 1.46
C VAL F 160 -28.28 -1.84 0.64
N LEU F 161 -29.37 -1.25 0.19
CA LEU F 161 -30.35 -1.93 -0.64
C LEU F 161 -29.94 -1.86 -2.12
N THR F 162 -29.83 -3.02 -2.77
CA THR F 162 -29.65 -3.07 -4.22
C THR F 162 -30.98 -3.26 -4.93
N GLN F 163 -30.98 -3.02 -6.23
CA GLN F 163 -32.18 -3.27 -7.02
C GLN F 163 -32.42 -4.75 -7.10
N TYR F 164 -31.34 -5.53 -7.08
CA TYR F 164 -31.47 -6.98 -7.16
C TYR F 164 -32.16 -7.56 -5.95
N ARG F 165 -31.75 -7.17 -4.75
CA ARG F 165 -32.42 -7.68 -3.54
C ARG F 165 -33.92 -7.35 -3.42
N ILE F 166 -34.37 -6.25 -4.01
CA ILE F 166 -35.76 -5.87 -3.90
C ILE F 166 -36.53 -6.79 -4.81
N LEU F 167 -36.04 -6.91 -6.03
CA LEU F 167 -36.69 -7.78 -6.99
C LEU F 167 -36.69 -9.22 -6.49
N LYS F 168 -35.58 -9.68 -5.91
CA LYS F 168 -35.56 -11.05 -5.41
C LYS F 168 -36.54 -11.21 -4.27
N PHE F 169 -36.49 -10.28 -3.33
CA PHE F 169 -37.51 -10.15 -2.29
C PHE F 169 -38.96 -10.26 -2.82
N ILE F 170 -39.23 -9.70 -3.99
CA ILE F 170 -40.56 -9.75 -4.56
C ILE F 170 -40.90 -11.16 -5.09
N SER F 171 -40.06 -11.68 -5.99
CA SER F 171 -40.32 -12.98 -6.58
C SER F 171 -40.51 -14.02 -5.51
N MET F 172 -39.91 -13.78 -4.36
CA MET F 172 -39.97 -14.68 -3.22
C MET F 172 -41.20 -14.52 -2.35
N ASN F 173 -41.89 -13.39 -2.45
CA ASN F 173 -42.99 -13.15 -1.52
C ASN F 173 -44.28 -12.79 -2.19
N CYS F 174 -44.25 -12.77 -3.52
CA CYS F 174 -45.45 -12.55 -4.29
C CYS F 174 -45.73 -13.76 -5.17
N LYS F 175 -46.75 -14.51 -4.77
CA LYS F 175 -47.38 -15.51 -5.61
C LYS F 175 -47.80 -14.85 -6.94
N GLU F 176 -48.17 -13.57 -6.82
CA GLU F 176 -48.77 -12.76 -7.88
C GLU F 176 -47.91 -12.48 -9.10
N THR F 177 -46.62 -12.81 -9.07
CA THR F 177 -45.76 -12.54 -10.24
C THR F 177 -46.01 -13.55 -11.35
N ALA F 178 -46.57 -14.70 -10.97
CA ALA F 178 -46.88 -15.80 -11.89
C ALA F 178 -47.97 -15.42 -12.88
N MET F 179 -48.68 -14.33 -12.58
CA MET F 179 -49.76 -13.80 -13.41
C MET F 179 -49.16 -12.93 -14.50
N LEU F 180 -47.89 -12.58 -14.32
CA LEU F 180 -47.19 -11.71 -15.26
C LEU F 180 -46.79 -12.45 -16.54
N ARG F 181 -47.76 -12.64 -17.43
CA ARG F 181 -47.60 -13.45 -18.63
C ARG F 181 -47.76 -12.69 -19.97
N VAL F 182 -47.56 -11.37 -19.96
CA VAL F 182 -47.55 -10.60 -21.20
C VAL F 182 -46.15 -10.57 -21.85
N PRO F 183 -46.08 -10.98 -23.14
CA PRO F 183 -44.81 -10.97 -23.90
C PRO F 183 -44.14 -9.62 -23.83
N LEU F 184 -42.82 -9.65 -23.68
CA LEU F 184 -41.98 -8.45 -23.66
C LEU F 184 -42.35 -7.48 -24.74
N ASN F 185 -42.43 -7.99 -25.98
CA ASN F 185 -42.56 -7.14 -27.14
C ASN F 185 -43.95 -6.49 -27.30
N GLN F 186 -44.80 -6.69 -26.30
CA GLN F 186 -46.13 -6.07 -26.26
C GLN F 186 -46.21 -5.09 -25.09
N MET F 187 -45.20 -5.12 -24.23
CA MET F 187 -45.02 -4.09 -23.22
C MET F 187 -44.01 -3.09 -23.75
N THR F 188 -44.09 -1.83 -23.31
CA THR F 188 -43.02 -0.92 -23.62
C THR F 188 -42.12 -0.88 -22.40
N ILE F 189 -40.92 -1.45 -22.58
CA ILE F 189 -40.01 -1.77 -21.51
C ILE F 189 -38.68 -2.16 -22.14
N GLY F 190 -37.57 -1.76 -21.52
CA GLY F 190 -36.24 -2.11 -22.03
C GLY F 190 -35.79 -1.26 -23.20
N THR F 191 -34.50 -1.31 -23.52
CA THR F 191 -33.97 -0.57 -24.64
C THR F 191 -33.79 -1.52 -25.79
N TRP F 192 -34.15 -1.05 -26.97
CA TRP F 192 -34.25 -1.90 -28.15
C TRP F 192 -33.58 -1.32 -29.34
N SER F 193 -32.93 -0.18 -29.16
CA SER F 193 -32.26 0.48 -30.27
C SER F 193 -31.28 1.50 -29.70
N ASN F 194 -30.39 1.99 -30.57
CA ASN F 194 -29.23 2.80 -30.17
C ASN F 194 -28.48 2.11 -29.04
N LEU F 195 -28.07 0.87 -29.29
CA LEU F 195 -27.39 0.11 -28.27
C LEU F 195 -25.89 0.41 -28.30
N ALA F 196 -25.31 0.57 -27.12
CA ALA F 196 -23.86 0.60 -26.99
C ALA F 196 -23.40 -0.83 -26.87
N THR F 197 -22.40 -1.18 -27.68
CA THR F 197 -21.85 -2.53 -27.77
C THR F 197 -20.38 -2.52 -28.17
N ALA F 198 -19.54 -3.25 -27.46
CA ALA F 198 -18.13 -3.32 -27.82
C ALA F 198 -17.84 -4.62 -28.58
N SER F 199 -16.67 -4.70 -29.19
CA SER F 199 -16.17 -5.96 -29.74
C SER F 199 -14.96 -6.39 -28.95
N MET F 200 -14.52 -7.62 -29.17
CA MET F 200 -13.36 -8.11 -28.43
C MET F 200 -12.10 -7.24 -28.72
N GLU F 201 -12.10 -6.56 -29.88
CA GLU F 201 -10.99 -5.73 -30.35
C GLU F 201 -11.00 -4.30 -29.78
N THR F 202 -12.10 -3.91 -29.10
CA THR F 202 -12.24 -2.59 -28.51
C THR F 202 -11.31 -2.38 -27.31
N LYS F 203 -10.72 -1.20 -27.24
CA LYS F 203 -9.90 -0.78 -26.09
C LYS F 203 -10.76 -0.59 -24.84
N VAL F 204 -10.29 -1.15 -23.72
CA VAL F 204 -11.05 -1.11 -22.48
C VAL F 204 -11.47 0.30 -22.04
N TYR F 205 -10.62 1.30 -22.24
CA TYR F 205 -10.99 2.65 -21.87
C TYR F 205 -12.17 3.23 -22.65
N ASP F 206 -12.35 2.78 -23.89
CA ASP F 206 -13.53 3.16 -24.66
C ASP F 206 -14.84 2.65 -24.09
N VAL F 207 -14.86 1.40 -23.61
CA VAL F 207 -16.09 0.94 -22.98
C VAL F 207 -16.28 1.64 -21.64
N ILE F 208 -15.18 2.03 -21.01
CA ILE F 208 -15.26 2.92 -19.86
C ILE F 208 -15.95 4.20 -20.26
N LYS F 209 -15.53 4.77 -21.39
CA LYS F 209 -16.14 5.95 -21.96
C LYS F 209 -17.62 5.71 -22.12
N MET F 210 -17.99 4.62 -22.81
CA MET F 210 -19.39 4.30 -23.07
C MET F 210 -20.17 4.24 -21.77
N LEU F 211 -19.62 3.52 -20.79
CA LEU F 211 -20.32 3.31 -19.51
C LEU F 211 -20.64 4.62 -18.81
N ALA F 212 -19.64 5.49 -18.73
CA ALA F 212 -19.78 6.77 -18.05
C ALA F 212 -20.77 7.66 -18.78
N GLU F 213 -20.65 7.69 -20.12
CA GLU F 213 -21.40 8.64 -20.94
C GLU F 213 -22.86 8.27 -21.02
N LYS F 214 -23.12 6.98 -21.13
CA LYS F 214 -24.46 6.45 -21.24
C LYS F 214 -25.06 6.11 -19.86
N ASN F 215 -24.26 6.24 -18.80
CA ASN F 215 -24.67 5.95 -17.43
C ASN F 215 -25.38 4.62 -17.38
N ILE F 216 -24.64 3.60 -17.82
CA ILE F 216 -25.07 2.23 -17.78
C ILE F 216 -24.01 1.43 -17.04
N SER F 217 -24.38 0.26 -16.54
CA SER F 217 -23.46 -0.55 -15.73
C SER F 217 -22.73 -1.67 -16.49
N ALA F 218 -23.15 -1.92 -17.74
CA ALA F 218 -22.56 -3.00 -18.52
C ALA F 218 -22.76 -2.83 -20.02
N VAL F 219 -21.79 -3.32 -20.77
CA VAL F 219 -21.83 -3.27 -22.21
C VAL F 219 -21.64 -4.67 -22.82
N PRO F 220 -22.61 -5.10 -23.66
CA PRO F 220 -22.55 -6.41 -24.31
C PRO F 220 -21.44 -6.41 -25.35
N ILE F 221 -20.86 -7.60 -25.58
CA ILE F 221 -19.81 -7.75 -26.58
C ILE F 221 -20.28 -8.72 -27.63
N VAL F 222 -20.24 -8.25 -28.87
CA VAL F 222 -20.76 -8.98 -29.99
C VAL F 222 -19.60 -9.32 -30.91
N ASN F 223 -19.81 -10.24 -31.84
CA ASN F 223 -18.79 -10.38 -32.90
C ASN F 223 -19.21 -9.59 -34.13
N SER F 224 -18.61 -9.88 -35.28
CA SER F 224 -18.87 -9.06 -36.45
C SER F 224 -20.26 -9.38 -36.99
N GLU F 225 -20.70 -10.64 -36.80
CA GLU F 225 -22.00 -11.11 -37.33
C GLU F 225 -23.17 -10.74 -36.40
N GLY F 226 -22.88 -9.97 -35.35
CA GLY F 226 -23.93 -9.45 -34.49
C GLY F 226 -24.27 -10.33 -33.30
N THR F 227 -23.62 -11.49 -33.23
CA THR F 227 -23.99 -12.47 -32.23
C THR F 227 -23.33 -12.15 -30.90
N LEU F 228 -24.06 -12.39 -29.82
CA LEU F 228 -23.68 -11.98 -28.48
C LEU F 228 -22.63 -12.92 -27.89
N LEU F 229 -21.46 -12.39 -27.53
CA LEU F 229 -20.40 -13.24 -27.00
C LEU F 229 -20.28 -13.15 -25.47
N ASN F 230 -20.17 -11.93 -24.96
CA ASN F 230 -19.94 -11.74 -23.53
C ASN F 230 -20.40 -10.36 -23.06
N VAL F 231 -19.98 -9.97 -21.86
CA VAL F 231 -20.38 -8.67 -21.32
C VAL F 231 -19.19 -8.09 -20.58
N TYR F 232 -18.89 -6.84 -20.87
CA TYR F 232 -17.90 -6.12 -20.11
C TYR F 232 -18.69 -5.20 -19.24
N GLU F 233 -18.45 -5.25 -17.94
CA GLU F 233 -19.22 -4.43 -17.02
C GLU F 233 -18.34 -3.69 -16.06
N SER F 234 -18.85 -2.59 -15.53
CA SER F 234 -18.06 -1.73 -14.64
C SER F 234 -17.43 -2.45 -13.46
N VAL F 235 -17.90 -3.65 -13.12
CA VAL F 235 -17.26 -4.34 -12.01
C VAL F 235 -16.03 -5.14 -12.46
N ASP F 236 -15.89 -5.35 -13.76
CA ASP F 236 -14.68 -5.97 -14.28
C ASP F 236 -13.50 -5.03 -14.11
N VAL F 237 -13.79 -3.75 -14.09
CA VAL F 237 -12.80 -2.72 -13.91
C VAL F 237 -11.94 -2.89 -12.66
N MET F 238 -12.59 -3.28 -11.58
CA MET F 238 -11.88 -3.59 -10.35
C MET F 238 -10.85 -4.68 -10.57
N HIS F 239 -11.23 -5.75 -11.24
CA HIS F 239 -10.31 -6.85 -11.46
C HIS F 239 -9.08 -6.38 -12.24
N LEU F 240 -9.31 -5.41 -13.09
CA LEU F 240 -8.27 -4.81 -13.88
C LEU F 240 -7.33 -3.95 -13.06
N ILE F 241 -7.86 -3.22 -12.08
CA ILE F 241 -7.03 -2.27 -11.31
C ILE F 241 -6.61 -2.69 -9.90
N GLN F 242 -7.23 -3.73 -9.34
CA GLN F 242 -6.90 -4.23 -7.99
C GLN F 242 -5.40 -4.47 -7.69
N ASP F 243 -4.58 -4.37 -8.74
CA ASP F 243 -3.15 -4.69 -8.71
C ASP F 243 -2.26 -3.46 -8.92
N GLY F 244 -2.92 -2.29 -9.07
CA GLY F 244 -2.25 -1.00 -9.25
C GLY F 244 -1.64 -0.82 -10.63
N ASP F 245 -2.16 -1.57 -11.61
CA ASP F 245 -1.64 -1.51 -12.97
C ASP F 245 -2.63 -0.90 -13.97
N TYR F 246 -2.52 0.43 -14.13
CA TYR F 246 -3.46 1.20 -14.94
C TYR F 246 -3.23 1.06 -16.44
N SER F 247 -2.07 0.57 -16.80
CA SER F 247 -1.80 0.25 -18.18
C SER F 247 -2.67 -0.91 -18.67
N ASN F 248 -3.39 -1.56 -17.76
CA ASN F 248 -4.36 -2.60 -18.14
C ASN F 248 -5.58 -1.96 -18.74
N LEU F 249 -5.69 -0.64 -18.54
CA LEU F 249 -6.80 0.11 -19.15
C LEU F 249 -6.66 0.21 -20.66
N ASP F 250 -5.44 -0.08 -21.14
CA ASP F 250 -5.07 -0.10 -22.56
C ASP F 250 -5.20 -1.46 -23.19
N LEU F 251 -5.62 -2.45 -22.41
CA LEU F 251 -5.86 -3.77 -22.98
C LEU F 251 -7.10 -3.67 -23.85
N SER F 252 -7.24 -4.60 -24.78
CA SER F 252 -8.47 -4.75 -25.54
C SER F 252 -9.47 -5.54 -24.70
N VAL F 253 -10.75 -5.34 -24.95
CA VAL F 253 -11.78 -6.08 -24.22
C VAL F 253 -11.45 -7.58 -24.14
N GLY F 254 -10.97 -8.14 -25.24
CA GLY F 254 -10.57 -9.54 -25.25
C GLY F 254 -9.58 -9.88 -24.16
N GLU F 255 -8.39 -9.30 -24.24
CA GLU F 255 -7.30 -9.64 -23.34
C GLU F 255 -7.72 -9.42 -21.91
N ALA F 256 -8.61 -8.46 -21.69
CA ALA F 256 -9.03 -8.13 -20.36
C ALA F 256 -9.90 -9.24 -19.84
N LEU F 257 -10.89 -9.64 -20.65
CA LEU F 257 -11.79 -10.72 -20.30
C LEU F 257 -11.07 -12.03 -19.95
N LEU F 258 -9.94 -12.29 -20.58
CA LEU F 258 -9.17 -13.50 -20.27
C LEU F 258 -8.64 -13.53 -18.85
N LYS F 259 -8.82 -12.41 -18.14
CA LYS F 259 -8.36 -12.26 -16.79
C LYS F 259 -9.52 -12.31 -15.81
N ARG F 260 -10.72 -12.56 -16.31
CA ARG F 260 -11.87 -12.66 -15.43
C ARG F 260 -11.84 -13.95 -14.58
N PRO F 261 -11.97 -13.79 -13.24
CA PRO F 261 -12.04 -14.95 -12.34
C PRO F 261 -13.38 -15.66 -12.48
N ALA F 262 -13.40 -16.98 -12.29
CA ALA F 262 -14.60 -17.76 -12.61
C ALA F 262 -15.74 -17.49 -11.65
N ASN F 263 -15.46 -16.60 -10.70
CA ASN F 263 -16.41 -16.03 -9.77
C ASN F 263 -17.56 -15.22 -10.42
N PHE F 264 -17.63 -15.24 -11.75
CA PHE F 264 -18.55 -14.44 -12.54
C PHE F 264 -20.00 -14.86 -12.41
N ASP F 265 -20.91 -13.90 -12.48
CA ASP F 265 -22.32 -14.24 -12.38
C ASP F 265 -23.01 -14.74 -13.64
N GLY F 266 -22.35 -14.56 -14.79
CA GLY F 266 -22.84 -15.14 -16.04
C GLY F 266 -23.75 -14.19 -16.79
N VAL F 267 -23.85 -14.40 -18.10
CA VAL F 267 -24.68 -13.58 -18.96
C VAL F 267 -26.05 -14.25 -19.14
N HIS F 268 -27.12 -13.54 -18.80
CA HIS F 268 -28.47 -14.10 -18.91
C HIS F 268 -29.21 -13.48 -20.08
N THR F 269 -29.88 -14.31 -20.85
CA THR F 269 -30.62 -13.86 -22.01
C THR F 269 -32.06 -14.37 -21.97
N CYS F 270 -32.88 -13.77 -22.83
CA CYS F 270 -34.24 -14.22 -23.08
C CYS F 270 -34.63 -13.82 -24.49
N ARG F 271 -35.81 -14.25 -24.88
CA ARG F 271 -36.35 -13.95 -26.18
C ARG F 271 -37.39 -12.86 -26.01
N ALA F 272 -37.57 -12.06 -27.05
CA ALA F 272 -38.49 -10.93 -27.07
C ALA F 272 -39.91 -11.40 -26.81
N THR F 273 -40.08 -12.72 -26.85
CA THR F 273 -41.37 -13.34 -26.63
C THR F 273 -41.47 -13.97 -25.24
N ASP F 274 -40.42 -13.85 -24.42
CA ASP F 274 -40.54 -14.21 -23.01
C ASP F 274 -41.39 -13.20 -22.23
N ARG F 275 -41.64 -13.45 -20.96
CA ARG F 275 -42.50 -12.59 -20.14
C ARG F 275 -41.96 -12.46 -18.73
N LEU F 276 -42.56 -11.60 -17.91
CA LEU F 276 -42.00 -11.32 -16.58
C LEU F 276 -42.05 -12.48 -15.60
N ASP F 277 -43.09 -13.31 -15.67
CA ASP F 277 -43.22 -14.40 -14.71
C ASP F 277 -42.04 -15.39 -14.74
N GLY F 278 -41.51 -15.64 -15.94
CA GLY F 278 -40.32 -16.45 -16.12
C GLY F 278 -39.11 -15.71 -15.59
N ILE F 279 -38.97 -14.46 -16.02
CA ILE F 279 -37.81 -13.69 -15.62
C ILE F 279 -37.75 -13.51 -14.08
N PHE F 280 -38.90 -13.27 -13.47
CA PHE F 280 -38.98 -13.19 -12.01
C PHE F 280 -38.67 -14.49 -11.33
N ASP F 281 -38.92 -15.61 -12.01
CA ASP F 281 -38.58 -16.86 -11.38
C ASP F 281 -37.09 -17.12 -11.56
N ALA F 282 -36.51 -16.52 -12.61
CA ALA F 282 -35.08 -16.68 -12.86
C ALA F 282 -34.33 -15.98 -11.75
N ILE F 283 -34.66 -14.71 -11.52
CA ILE F 283 -34.02 -13.93 -10.47
C ILE F 283 -34.25 -14.51 -9.06
N LYS F 284 -35.27 -15.34 -8.91
CA LYS F 284 -35.54 -16.08 -7.69
C LYS F 284 -34.47 -17.16 -7.46
N HIS F 285 -33.76 -17.53 -8.52
CA HIS F 285 -32.96 -18.76 -8.46
C HIS F 285 -31.53 -18.49 -8.81
N SER F 286 -31.27 -17.32 -9.39
CA SER F 286 -29.96 -17.00 -9.92
C SER F 286 -29.67 -15.57 -9.61
N ARG F 287 -28.50 -15.11 -10.01
CA ARG F 287 -28.12 -13.76 -9.69
C ARG F 287 -28.09 -12.95 -10.98
N VAL F 288 -29.26 -12.81 -11.57
CA VAL F 288 -29.40 -12.05 -12.80
C VAL F 288 -29.13 -10.57 -12.57
N HIS F 289 -28.29 -9.98 -13.40
CA HIS F 289 -28.16 -8.52 -13.36
C HIS F 289 -28.85 -7.79 -14.48
N ARG F 290 -29.08 -8.49 -15.57
CA ARG F 290 -29.78 -7.89 -16.69
C ARG F 290 -30.07 -9.00 -17.62
N LEU F 291 -31.04 -8.82 -18.48
CA LEU F 291 -31.24 -9.81 -19.53
C LEU F 291 -30.87 -9.14 -20.82
N PHE F 292 -30.09 -9.83 -21.65
CA PHE F 292 -29.96 -9.41 -23.03
C PHE F 292 -31.00 -10.12 -23.85
N VAL F 293 -31.81 -9.35 -24.54
CA VAL F 293 -32.83 -9.92 -25.38
C VAL F 293 -32.15 -10.29 -26.67
N VAL F 294 -32.20 -11.58 -27.00
CA VAL F 294 -31.63 -12.09 -28.25
C VAL F 294 -32.67 -12.83 -29.08
N ASP F 295 -32.33 -13.08 -30.34
CA ASP F 295 -33.17 -13.86 -31.22
C ASP F 295 -32.78 -15.34 -31.20
N GLU F 296 -33.41 -16.12 -32.06
CA GLU F 296 -33.05 -17.51 -32.38
C GLU F 296 -31.54 -17.78 -32.35
N ASN F 297 -30.76 -17.05 -33.15
CA ASN F 297 -29.30 -17.30 -33.28
C ASN F 297 -28.41 -16.34 -32.49
N LEU F 298 -28.87 -16.01 -31.28
CA LEU F 298 -28.14 -15.20 -30.35
C LEU F 298 -27.69 -13.85 -30.90
N LYS F 299 -28.52 -13.23 -31.75
CA LYS F 299 -28.30 -11.85 -32.11
C LYS F 299 -28.88 -10.92 -31.08
N LEU F 300 -28.12 -9.92 -30.70
CA LEU F 300 -28.59 -8.92 -29.78
C LEU F 300 -29.74 -8.14 -30.39
N GLU F 301 -30.79 -7.94 -29.61
CA GLU F 301 -31.99 -7.25 -30.06
C GLU F 301 -32.30 -6.12 -29.11
N GLY F 302 -32.08 -6.36 -27.84
CA GLY F 302 -32.39 -5.39 -26.79
C GLY F 302 -31.70 -5.65 -25.47
N ILE F 303 -32.04 -4.83 -24.47
CA ILE F 303 -31.51 -4.96 -23.13
C ILE F 303 -32.66 -4.72 -22.18
N LEU F 304 -32.75 -5.58 -21.17
CA LEU F 304 -33.69 -5.41 -20.07
C LEU F 304 -32.92 -5.34 -18.76
N SER F 305 -32.60 -4.12 -18.34
CA SER F 305 -31.94 -3.89 -17.08
C SER F 305 -32.85 -4.19 -15.92
N LEU F 306 -32.26 -4.38 -14.75
CA LEU F 306 -33.04 -4.49 -13.54
C LEU F 306 -33.89 -3.27 -13.27
N ALA F 307 -33.31 -2.08 -13.50
CA ALA F 307 -34.04 -0.83 -13.26
C ALA F 307 -35.24 -0.76 -14.19
N ASP F 308 -35.08 -1.31 -15.40
CA ASP F 308 -36.17 -1.33 -16.38
C ASP F 308 -37.36 -2.01 -15.73
N ILE F 309 -37.13 -3.24 -15.30
CA ILE F 309 -38.12 -4.05 -14.62
C ILE F 309 -38.67 -3.36 -13.36
N LEU F 310 -37.78 -3.06 -12.43
CA LEU F 310 -38.16 -2.41 -11.19
C LEU F 310 -39.00 -1.15 -11.43
N ASN F 311 -38.64 -0.37 -12.45
CA ASN F 311 -39.41 0.80 -12.87
C ASN F 311 -40.78 0.48 -13.47
N TYR F 312 -40.84 -0.57 -14.28
CA TYR F 312 -42.09 -0.92 -14.93
C TYR F 312 -43.12 -1.17 -13.87
N ILE F 313 -42.73 -1.94 -12.86
CA ILE F 313 -43.70 -2.42 -11.92
C ILE F 313 -43.91 -1.43 -10.78
N ILE F 314 -43.23 -0.29 -10.80
CA ILE F 314 -43.51 0.72 -9.78
C ILE F 314 -44.09 2.01 -10.33
N TYR F 315 -44.26 2.09 -11.65
CA TYR F 315 -44.96 3.24 -12.22
C TYR F 315 -46.33 2.84 -12.74
N ASP F 316 -47.29 3.75 -12.56
CA ASP F 316 -48.67 3.57 -13.01
C ASP F 316 -48.79 3.99 -14.48
N LYS F 317 -50.02 4.03 -14.98
CA LYS F 317 -50.33 4.56 -16.31
C LYS F 317 -50.71 6.05 -16.36
N THR F 318 -50.74 6.68 -15.18
CA THR F 318 -50.77 8.14 -15.05
C THR F 318 -49.34 8.61 -14.76
N THR F 319 -48.42 8.30 -15.68
CA THR F 319 -46.99 8.35 -15.39
C THR F 319 -46.30 9.62 -15.93
N ASP F 328 -22.84 12.93 -23.46
CA ASP F 328 -21.64 12.94 -22.63
C ASP F 328 -21.95 13.37 -21.19
N ASN F 329 -21.93 12.40 -20.29
CA ASN F 329 -22.21 12.59 -18.87
C ASN F 329 -21.45 11.55 -18.01
N PHE F 330 -21.96 11.25 -16.81
CA PHE F 330 -21.27 10.38 -15.84
C PHE F 330 -22.08 9.16 -15.37
N GLU F 331 -21.42 8.25 -14.66
CA GLU F 331 -22.09 7.05 -14.17
C GLU F 331 -22.55 7.13 -12.71
N SER F 332 -23.78 6.72 -12.47
CA SER F 332 -24.34 6.67 -11.13
C SER F 332 -23.84 5.43 -10.42
N ALA F 333 -23.91 5.48 -9.09
CA ALA F 333 -23.57 4.38 -8.21
C ALA F 333 -23.95 3.01 -8.79
N VAL F 334 -23.00 2.09 -8.83
CA VAL F 334 -23.27 0.72 -9.22
C VAL F 334 -22.99 -0.19 -8.01
PB ADP G . 27.23 -12.49 10.44
O1B ADP G . 27.14 -11.32 9.49
O2B ADP G . 25.95 -12.91 11.14
O3B ADP G . 27.99 -13.70 9.94
PA ADP G . 28.58 -10.42 11.81
O1A ADP G . 27.34 -9.72 12.27
O2A ADP G . 29.36 -9.94 10.61
O3A ADP G . 28.15 -11.94 11.65
O5' ADP G . 29.58 -10.51 13.04
C5' ADP G . 29.13 -10.27 14.37
C4' ADP G . 30.24 -10.62 15.33
O4' ADP G . 29.69 -11.68 16.11
C3' ADP G . 31.46 -11.22 14.66
O3' ADP G . 32.57 -11.15 15.56
C2' ADP G . 31.11 -12.68 14.48
O2' ADP G . 32.25 -13.54 14.50
C1' ADP G . 30.26 -12.95 15.72
N9 ADP G . 29.14 -13.86 15.41
C8 ADP G . 28.50 -14.06 14.24
N7 ADP G . 27.52 -14.98 14.39
C5 ADP G . 27.52 -15.37 15.67
C6 ADP G . 26.75 -16.29 16.49
N6 ADP G . 25.75 -17.03 15.95
N1 ADP G . 27.08 -16.39 17.80
C2 ADP G . 28.08 -15.69 18.34
N3 ADP G . 28.82 -14.83 17.67
C4 ADP G . 28.59 -14.63 16.34
PB ADP H . 26.67 -7.34 -1.57
O1B ADP H . 26.25 -8.24 -2.70
O2B ADP H . 27.45 -6.13 -2.08
O3B ADP H . 27.28 -8.08 -0.41
PA ADP H . 23.87 -6.67 -1.57
O1A ADP H . 23.15 -7.94 -1.20
O2A ADP H . 23.22 -5.35 -1.27
O3A ADP H . 25.34 -6.68 -0.91
O5' ADP H . 24.19 -6.66 -3.15
C5' ADP H . 23.55 -7.52 -4.09
C4' ADP H . 23.51 -6.76 -5.39
O4' ADP H . 22.54 -5.73 -5.25
C3' ADP H . 24.82 -6.09 -5.80
O3' ADP H . 25.03 -6.29 -7.20
C2' ADP H . 24.59 -4.63 -5.49
O2' ADP H . 25.30 -3.74 -6.39
C1' ADP H . 23.09 -4.48 -5.66
N9 ADP H . 22.55 -3.42 -4.81
C8 ADP H . 22.44 -3.40 -3.46
N7 ADP H . 21.88 -2.24 -3.01
C5 ADP H . 21.64 -1.49 -4.11
C6 ADP H . 21.08 -0.15 -4.38
N6 ADP H . 20.64 0.66 -3.39
N1 ADP H . 21.01 0.22 -5.68
C2 ADP H . 21.43 -0.55 -6.71
N3 ADP H . 21.96 -1.77 -6.55
C4 ADP H . 22.08 -2.27 -5.30
PB ADP I . -27.32 -2.33 -17.10
O1B ADP I . -26.05 -1.53 -17.35
O2B ADP I . -27.59 -3.33 -18.22
O3B ADP I . -27.50 -2.90 -15.70
PA ADP I . -28.67 -0.05 -16.22
O1A ADP I . -27.34 0.24 -15.62
O2A ADP I . -29.85 -0.24 -15.27
O3A ADP I . -28.52 -1.27 -17.23
O5' ADP I . -28.98 1.06 -17.32
C5' ADP I . -30.20 1.77 -17.18
C4' ADP I . -30.82 2.10 -18.53
O4' ADP I . -29.86 2.01 -19.58
C3' ADP I . -31.96 1.14 -18.85
O3' ADP I . -33.04 1.96 -19.33
C2' ADP I . -31.34 0.23 -19.91
O2' ADP I . -32.28 -0.33 -20.83
C1' ADP I . -30.35 1.14 -20.60
N9 ADP I . -29.20 0.36 -21.03
C8 ADP I . -28.55 -0.54 -20.27
N7 ADP I . -27.51 -1.06 -20.96
C5 ADP I . -27.48 -0.48 -22.17
C6 ADP I . -26.63 -0.62 -23.35
N6 ADP I . -25.62 -1.49 -23.27
N1 ADP I . -26.90 0.15 -24.44
C2 ADP I . -27.94 1.02 -24.42
N3 ADP I . -28.77 1.19 -23.36
C4 ADP I . -28.59 0.47 -22.22
PB ADP J . -26.35 -8.21 -5.19
O1B ADP J . -26.03 -9.48 -4.41
O2B ADP J . -26.74 -8.43 -6.63
O3B ADP J . -27.25 -7.25 -4.43
PA ADP J . -23.93 -7.17 -4.21
O1A ADP J . -22.74 -6.40 -4.71
O2A ADP J . -24.75 -6.64 -3.04
O3A ADP J . -24.97 -7.41 -5.41
O5' ADP J . -23.47 -8.68 -3.87
C5' ADP J . -22.36 -9.02 -3.04
C4' ADP J . -22.83 -9.87 -1.87
O4' ADP J . -22.08 -9.51 -0.71
C3' ADP J . -24.30 -9.64 -1.52
O3' ADP J . -24.86 -10.89 -1.12
C2' ADP J . -24.27 -8.64 -0.39
O2' ADP J . -25.22 -8.93 0.65
C1' ADP J . -22.88 -8.74 0.19
N9 ADP J . -22.31 -7.38 0.36
C8 ADP J . -22.13 -6.46 -0.62
N7 ADP J . -21.60 -5.31 -0.14
C5 ADP J . -21.46 -5.48 1.19
C6 ADP J . -20.95 -4.66 2.30
N6 ADP J . -20.50 -3.39 2.06
N1 ADP J . -20.96 -5.21 3.55
C2 ADP J . -21.41 -6.46 3.78
N3 ADP J . -21.88 -7.28 2.80
C4 ADP J . -21.92 -6.84 1.52
#